data_1F1F
# 
_entry.id   1F1F 
# 
_audit_conform.dict_name       mmcif_pdbx.dic 
_audit_conform.dict_version    5.398 
_audit_conform.dict_location   http://mmcif.pdb.org/dictionaries/ascii/mmcif_pdbx.dic 
# 
loop_
_database_2.database_id 
_database_2.database_code 
_database_2.pdbx_database_accession 
_database_2.pdbx_DOI 
PDB   1F1F         pdb_00001f1f 10.2210/pdb1f1f/pdb 
RCSB  RCSB011125   ?            ?                   
WWPDB D_1000011125 ?            ?                   
# 
loop_
_pdbx_audit_revision_history.ordinal 
_pdbx_audit_revision_history.data_content_type 
_pdbx_audit_revision_history.major_revision 
_pdbx_audit_revision_history.minor_revision 
_pdbx_audit_revision_history.revision_date 
1 'Structure model' 1 0 2001-08-08 
2 'Structure model' 1 1 2008-04-27 
3 'Structure model' 1 2 2011-07-13 
4 'Structure model' 1 3 2017-10-04 
5 'Structure model' 2 0 2021-03-03 
6 'Structure model' 2 1 2024-11-06 
# 
_pdbx_audit_revision_details.ordinal             1 
_pdbx_audit_revision_details.revision_ordinal    1 
_pdbx_audit_revision_details.data_content_type   'Structure model' 
_pdbx_audit_revision_details.provider            repository 
_pdbx_audit_revision_details.type                'Initial release' 
_pdbx_audit_revision_details.description         ? 
_pdbx_audit_revision_details.details             ? 
# 
loop_
_pdbx_audit_revision_group.ordinal 
_pdbx_audit_revision_group.revision_ordinal 
_pdbx_audit_revision_group.data_content_type 
_pdbx_audit_revision_group.group 
1  2 'Structure model' 'Version format compliance' 
2  3 'Structure model' 'Version format compliance' 
3  4 'Structure model' 'Refinement description'    
4  5 'Structure model' 'Atomic model'              
5  5 'Structure model' 'Data collection'           
6  5 'Structure model' 'Database references'       
7  5 'Structure model' 'Derived calculations'      
8  5 'Structure model' 'Non-polymer description'   
9  5 'Structure model' 'Structure summary'         
10 6 'Structure model' 'Data collection'           
11 6 'Structure model' 'Database references'       
12 6 'Structure model' 'Structure summary'         
# 
loop_
_pdbx_audit_revision_category.ordinal 
_pdbx_audit_revision_category.revision_ordinal 
_pdbx_audit_revision_category.data_content_type 
_pdbx_audit_revision_category.category 
1  4 'Structure model' software                  
2  5 'Structure model' atom_site                 
3  5 'Structure model' chem_comp                 
4  5 'Structure model' entity                    
5  5 'Structure model' pdbx_entity_nonpoly       
6  5 'Structure model' pdbx_nonpoly_scheme       
7  5 'Structure model' pdbx_struct_conn_angle    
8  5 'Structure model' struct_conn               
9  5 'Structure model' struct_conn_type          
10 5 'Structure model' struct_ref_seq_dif        
11 5 'Structure model' struct_site               
12 6 'Structure model' chem_comp_atom            
13 6 'Structure model' chem_comp_bond            
14 6 'Structure model' database_2                
15 6 'Structure model' pdbx_entry_details        
16 6 'Structure model' pdbx_modification_feature 
# 
loop_
_pdbx_audit_revision_item.ordinal 
_pdbx_audit_revision_item.revision_ordinal 
_pdbx_audit_revision_item.data_content_type 
_pdbx_audit_revision_item.item 
1  5 'Structure model' '_atom_site.B_iso_or_equiv'                   
2  5 'Structure model' '_atom_site.Cartn_x'                          
3  5 'Structure model' '_atom_site.Cartn_y'                          
4  5 'Structure model' '_atom_site.Cartn_z'                          
5  5 'Structure model' '_atom_site.auth_atom_id'                     
6  5 'Structure model' '_atom_site.auth_comp_id'                     
7  5 'Structure model' '_atom_site.label_atom_id'                    
8  5 'Structure model' '_atom_site.label_comp_id'                    
9  5 'Structure model' '_atom_site.type_symbol'                      
10 5 'Structure model' '_chem_comp.formula'                          
11 5 'Structure model' '_chem_comp.formula_weight'                   
12 5 'Structure model' '_chem_comp.id'                               
13 5 'Structure model' '_chem_comp.name'                             
14 5 'Structure model' '_chem_comp.pdbx_synonyms'                    
15 5 'Structure model' '_entity.formula_weight'                      
16 5 'Structure model' '_entity.pdbx_description'                    
17 5 'Structure model' '_pdbx_entity_nonpoly.comp_id'                
18 5 'Structure model' '_pdbx_entity_nonpoly.name'                   
19 5 'Structure model' '_pdbx_nonpoly_scheme.mon_id'                 
20 5 'Structure model' '_pdbx_nonpoly_scheme.pdb_mon_id'             
21 5 'Structure model' '_pdbx_struct_conn_angle.ptnr1_auth_comp_id'  
22 5 'Structure model' '_pdbx_struct_conn_angle.ptnr1_label_comp_id' 
23 5 'Structure model' '_pdbx_struct_conn_angle.ptnr2_auth_comp_id'  
24 5 'Structure model' '_pdbx_struct_conn_angle.ptnr2_label_comp_id' 
25 5 'Structure model' '_pdbx_struct_conn_angle.ptnr3_auth_comp_id'  
26 5 'Structure model' '_pdbx_struct_conn_angle.ptnr3_label_comp_id' 
27 5 'Structure model' '_struct_conn.conn_type_id'                   
28 5 'Structure model' '_struct_conn.id'                             
29 5 'Structure model' '_struct_conn.pdbx_dist_value'                
30 5 'Structure model' '_struct_conn.pdbx_leaving_atom_flag'         
31 5 'Structure model' '_struct_conn.ptnr1_auth_comp_id'             
32 5 'Structure model' '_struct_conn.ptnr1_auth_seq_id'              
33 5 'Structure model' '_struct_conn.ptnr1_label_asym_id'            
34 5 'Structure model' '_struct_conn.ptnr1_label_atom_id'            
35 5 'Structure model' '_struct_conn.ptnr1_label_comp_id'            
36 5 'Structure model' '_struct_conn.ptnr1_label_seq_id'             
37 5 'Structure model' '_struct_conn.ptnr2_auth_comp_id'             
38 5 'Structure model' '_struct_conn.ptnr2_auth_seq_id'              
39 5 'Structure model' '_struct_conn.ptnr2_label_asym_id'            
40 5 'Structure model' '_struct_conn.ptnr2_label_atom_id'            
41 5 'Structure model' '_struct_conn.ptnr2_label_comp_id'            
42 5 'Structure model' '_struct_conn.ptnr2_label_seq_id'             
43 5 'Structure model' '_struct_conn_type.id'                        
44 5 'Structure model' '_struct_ref_seq_dif.details'                 
45 5 'Structure model' '_struct_site.details'                        
46 5 'Structure model' '_struct_site.pdbx_auth_asym_id'              
47 5 'Structure model' '_struct_site.pdbx_auth_comp_id'              
48 5 'Structure model' '_struct_site.pdbx_auth_seq_id'               
49 6 'Structure model' '_database_2.pdbx_DOI'                        
50 6 'Structure model' '_database_2.pdbx_database_accession'         
# 
_pdbx_database_status.status_code                     REL 
_pdbx_database_status.entry_id                        1F1F 
_pdbx_database_status.recvd_initial_deposition_date   2000-05-18 
_pdbx_database_status.deposit_site                    RCSB 
_pdbx_database_status.process_site                    RCSB 
_pdbx_database_status.SG_entry                        . 
_pdbx_database_status.pdb_format_compatible           Y 
_pdbx_database_status.status_code_mr                  ? 
_pdbx_database_status.status_code_sf                  ? 
_pdbx_database_status.status_code_cs                  ? 
_pdbx_database_status.methods_development_category    ? 
_pdbx_database_status.status_code_nmr_data            ? 
# 
_pdbx_database_related.db_name        PDB 
_pdbx_database_related.db_id          1CYI 
_pdbx_database_related.details        '1CYI contains crystal structure of cytochrome c6 from Chlamydomonas reinhardtii' 
_pdbx_database_related.content_type   unspecified 
# 
loop_
_audit_author.name 
_audit_author.pdbx_ordinal 
'Kerfeld, C.A.'  1 
'Serag, A.A.'    2 
'Sawaya, M.R.'   3 
'Krogmann, D.W.' 4 
'Yeates, T.O.'   5 
# 
_citation.id                        primary 
_citation.title                     'Structures of cytochrome c-549 and cytochrome c6 from the cyanobacterium Arthrospira maxima.' 
_citation.journal_abbrev            Biochemistry 
_citation.journal_volume            40 
_citation.page_first                9215 
_citation.page_last                 9225 
_citation.year                      2001 
_citation.journal_id_ASTM           BICHAW 
_citation.country                   US 
_citation.journal_id_ISSN           0006-2960 
_citation.journal_id_CSD            0033 
_citation.book_publisher            ? 
_citation.pdbx_database_id_PubMed   11478889 
_citation.pdbx_database_id_DOI      10.1021/bi002679p 
# 
loop_
_citation_author.citation_id 
_citation_author.name 
_citation_author.ordinal 
_citation_author.identifier_ORCID 
primary 'Sawaya, M.R.'   1 ? 
primary 'Krogmann, D.W.' 2 ? 
primary 'Serag, A.'      3 ? 
primary 'Ho, K.K.'       4 ? 
primary 'Yeates, T.O.'   5 ? 
primary 'Kerfeld, C.A.'  6 ? 
# 
loop_
_entity.id 
_entity.type 
_entity.src_method 
_entity.pdbx_description 
_entity.formula_weight 
_entity.pdbx_number_of_molecules 
_entity.pdbx_ec 
_entity.pdbx_mutation 
_entity.pdbx_fragment 
_entity.details 
1 polymer     nat 'CYTOCHROME C6' 9230.350 1 ? ? ? ? 
2 non-polymer syn 'HEME C'        618.503  1 ? ? ? ? 
# 
_entity_poly.entity_id                      1 
_entity_poly.type                           'polypeptide(L)' 
_entity_poly.nstd_linkage                   no 
_entity_poly.nstd_monomer                   no 
_entity_poly.pdbx_seq_one_letter_code       
;GDVAAGASVFSANCAACHMGGRNVIVANKTLSKSDLAKYLKGFDDDAVAAVAYQVTNGKNAMPGFNGRLSPLQIEDVAAY
VVDQAEKGW
;
_entity_poly.pdbx_seq_one_letter_code_can   
;GDVAAGASVFSANCAACHMGGRNVIVANKTLSKSDLAKYLKGFDDDAVAAVAYQVTNGKNAMPGFNGRLSPLQIEDVAAY
VVDQAEKGW
;
_entity_poly.pdbx_strand_id                 A 
_entity_poly.pdbx_target_identifier         ? 
# 
_pdbx_entity_nonpoly.entity_id   2 
_pdbx_entity_nonpoly.name        'HEME C' 
_pdbx_entity_nonpoly.comp_id     HEC 
# 
loop_
_entity_poly_seq.entity_id 
_entity_poly_seq.num 
_entity_poly_seq.mon_id 
_entity_poly_seq.hetero 
1 1  GLY n 
1 2  ASP n 
1 3  VAL n 
1 4  ALA n 
1 5  ALA n 
1 6  GLY n 
1 7  ALA n 
1 8  SER n 
1 9  VAL n 
1 10 PHE n 
1 11 SER n 
1 12 ALA n 
1 13 ASN n 
1 14 CYS n 
1 15 ALA n 
1 16 ALA n 
1 17 CYS n 
1 18 HIS n 
1 19 MET n 
1 20 GLY n 
1 21 GLY n 
1 22 ARG n 
1 23 ASN n 
1 24 VAL n 
1 25 ILE n 
1 26 VAL n 
1 27 ALA n 
1 28 ASN n 
1 29 LYS n 
1 30 THR n 
1 31 LEU n 
1 32 SER n 
1 33 LYS n 
1 34 SER n 
1 35 ASP n 
1 36 LEU n 
1 37 ALA n 
1 38 LYS n 
1 39 TYR n 
1 40 LEU n 
1 41 LYS n 
1 42 GLY n 
1 43 PHE n 
1 44 ASP n 
1 45 ASP n 
1 46 ASP n 
1 47 ALA n 
1 48 VAL n 
1 49 ALA n 
1 50 ALA n 
1 51 VAL n 
1 52 ALA n 
1 53 TYR n 
1 54 GLN n 
1 55 VAL n 
1 56 THR n 
1 57 ASN n 
1 58 GLY n 
1 59 LYS n 
1 60 ASN n 
1 61 ALA n 
1 62 MET n 
1 63 PRO n 
1 64 GLY n 
1 65 PHE n 
1 66 ASN n 
1 67 GLY n 
1 68 ARG n 
1 69 LEU n 
1 70 SER n 
1 71 PRO n 
1 72 LEU n 
1 73 GLN n 
1 74 ILE n 
1 75 GLU n 
1 76 ASP n 
1 77 VAL n 
1 78 ALA n 
1 79 ALA n 
1 80 TYR n 
1 81 VAL n 
1 82 VAL n 
1 83 ASP n 
1 84 GLN n 
1 85 ALA n 
1 86 GLU n 
1 87 LYS n 
1 88 GLY n 
1 89 TRP n 
# 
_entity_src_nat.entity_id                  1 
_entity_src_nat.pdbx_src_id                1 
_entity_src_nat.pdbx_alt_source_flag       sample 
_entity_src_nat.pdbx_beg_seq_num           ? 
_entity_src_nat.pdbx_end_seq_num           ? 
_entity_src_nat.common_name                ? 
_entity_src_nat.pdbx_organism_scientific   'Arthrospira maxima' 
_entity_src_nat.pdbx_ncbi_taxonomy_id      129910 
_entity_src_nat.genus                      Arthrospira 
_entity_src_nat.species                    ? 
_entity_src_nat.strain                     ? 
_entity_src_nat.tissue                     ? 
_entity_src_nat.tissue_fraction            ? 
_entity_src_nat.pdbx_secretion             ? 
_entity_src_nat.pdbx_fragment              ? 
_entity_src_nat.pdbx_variant               ? 
_entity_src_nat.pdbx_cell_line             ? 
_entity_src_nat.pdbx_atcc                  ? 
_entity_src_nat.pdbx_cellular_location     ? 
_entity_src_nat.pdbx_organ                 ? 
_entity_src_nat.pdbx_organelle             ? 
_entity_src_nat.pdbx_cell                  ? 
_entity_src_nat.pdbx_plasmid_name          ? 
_entity_src_nat.pdbx_plasmid_details       ? 
_entity_src_nat.details                    ? 
# 
loop_
_chem_comp.id 
_chem_comp.type 
_chem_comp.mon_nstd_flag 
_chem_comp.name 
_chem_comp.pdbx_synonyms 
_chem_comp.formula 
_chem_comp.formula_weight 
ALA 'L-peptide linking' y ALANINE         ? 'C3 H7 N O2'       89.093  
ARG 'L-peptide linking' y ARGININE        ? 'C6 H15 N4 O2 1'   175.209 
ASN 'L-peptide linking' y ASPARAGINE      ? 'C4 H8 N2 O3'      132.118 
ASP 'L-peptide linking' y 'ASPARTIC ACID' ? 'C4 H7 N O4'       133.103 
CYS 'L-peptide linking' y CYSTEINE        ? 'C3 H7 N O2 S'     121.158 
GLN 'L-peptide linking' y GLUTAMINE       ? 'C5 H10 N2 O3'     146.144 
GLU 'L-peptide linking' y 'GLUTAMIC ACID' ? 'C5 H9 N O4'       147.129 
GLY 'peptide linking'   y GLYCINE         ? 'C2 H5 N O2'       75.067  
HEC non-polymer         . 'HEME C'        ? 'C34 H34 Fe N4 O4' 618.503 
HIS 'L-peptide linking' y HISTIDINE       ? 'C6 H10 N3 O2 1'   156.162 
ILE 'L-peptide linking' y ISOLEUCINE      ? 'C6 H13 N O2'      131.173 
LEU 'L-peptide linking' y LEUCINE         ? 'C6 H13 N O2'      131.173 
LYS 'L-peptide linking' y LYSINE          ? 'C6 H15 N2 O2 1'   147.195 
MET 'L-peptide linking' y METHIONINE      ? 'C5 H11 N O2 S'    149.211 
PHE 'L-peptide linking' y PHENYLALANINE   ? 'C9 H11 N O2'      165.189 
PRO 'L-peptide linking' y PROLINE         ? 'C5 H9 N O2'       115.130 
SER 'L-peptide linking' y SERINE          ? 'C3 H7 N O3'       105.093 
THR 'L-peptide linking' y THREONINE       ? 'C4 H9 N O3'       119.119 
TRP 'L-peptide linking' y TRYPTOPHAN      ? 'C11 H12 N2 O2'    204.225 
TYR 'L-peptide linking' y TYROSINE        ? 'C9 H11 N O3'      181.189 
VAL 'L-peptide linking' y VALINE          ? 'C5 H11 N O2'      117.146 
# 
loop_
_pdbx_poly_seq_scheme.asym_id 
_pdbx_poly_seq_scheme.entity_id 
_pdbx_poly_seq_scheme.seq_id 
_pdbx_poly_seq_scheme.mon_id 
_pdbx_poly_seq_scheme.ndb_seq_num 
_pdbx_poly_seq_scheme.pdb_seq_num 
_pdbx_poly_seq_scheme.auth_seq_num 
_pdbx_poly_seq_scheme.pdb_mon_id 
_pdbx_poly_seq_scheme.auth_mon_id 
_pdbx_poly_seq_scheme.pdb_strand_id 
_pdbx_poly_seq_scheme.pdb_ins_code 
_pdbx_poly_seq_scheme.hetero 
A 1 1  GLY 1  1  ?  ?   ?   A . n 
A 1 2  ASP 2  2  2  ASP ASP A . n 
A 1 3  VAL 3  3  3  VAL VAL A . n 
A 1 4  ALA 4  4  4  ALA ALA A . n 
A 1 5  ALA 5  5  5  ALA ALA A . n 
A 1 6  GLY 6  6  6  GLY GLY A . n 
A 1 7  ALA 7  7  7  ALA ALA A . n 
A 1 8  SER 8  8  8  SER SER A . n 
A 1 9  VAL 9  9  9  VAL VAL A . n 
A 1 10 PHE 10 10 10 PHE PHE A . n 
A 1 11 SER 11 11 11 SER SER A . n 
A 1 12 ALA 12 12 12 ALA ALA A . n 
A 1 13 ASN 13 13 13 ASN ASN A . n 
A 1 14 CYS 14 14 14 CYS CYS A . n 
A 1 15 ALA 15 15 15 ALA ALA A . n 
A 1 16 ALA 16 16 16 ALA ALA A . n 
A 1 17 CYS 17 17 17 CYS CYS A . n 
A 1 18 HIS 18 18 18 HIS HIS A . n 
A 1 19 MET 19 19 19 MET MET A . n 
A 1 20 GLY 20 20 20 GLY GLY A . n 
A 1 21 GLY 21 21 21 GLY GLY A . n 
A 1 22 ARG 22 22 22 ARG ARG A . n 
A 1 23 ASN 23 23 23 ASN ASN A . n 
A 1 24 VAL 24 24 24 VAL VAL A . n 
A 1 25 ILE 25 25 25 ILE ILE A . n 
A 1 26 VAL 26 26 26 VAL VAL A . n 
A 1 27 ALA 27 27 27 ALA ALA A . n 
A 1 28 ASN 28 28 28 ASN ASN A . n 
A 1 29 LYS 29 29 29 LYS LYS A . n 
A 1 30 THR 30 30 30 THR THR A . n 
A 1 31 LEU 31 31 31 LEU LEU A . n 
A 1 32 SER 32 32 32 SER SER A . n 
A 1 33 LYS 33 33 33 LYS LYS A . n 
A 1 34 SER 34 34 34 SER SER A . n 
A 1 35 ASP 35 35 35 ASP ASP A . n 
A 1 36 LEU 36 36 36 LEU LEU A . n 
A 1 37 ALA 37 37 37 ALA ALA A . n 
A 1 38 LYS 38 38 38 LYS LYS A . n 
A 1 39 TYR 39 39 39 TYR TYR A . n 
A 1 40 LEU 40 40 40 LEU LEU A . n 
A 1 41 LYS 41 41 41 LYS LYS A . n 
A 1 42 GLY 42 42 42 GLY GLY A . n 
A 1 43 PHE 43 43 43 PHE PHE A . n 
A 1 44 ASP 44 44 44 ASP ASP A . n 
A 1 45 ASP 45 45 45 ASP ASP A . n 
A 1 46 ASP 46 46 46 ASP ASP A . n 
A 1 47 ALA 47 47 47 ALA ALA A . n 
A 1 48 VAL 48 48 48 VAL VAL A . n 
A 1 49 ALA 49 49 49 ALA ALA A . n 
A 1 50 ALA 50 50 50 ALA ALA A . n 
A 1 51 VAL 51 51 51 VAL VAL A . n 
A 1 52 ALA 52 52 52 ALA ALA A . n 
A 1 53 TYR 53 53 53 TYR TYR A . n 
A 1 54 GLN 54 54 54 GLN GLN A . n 
A 1 55 VAL 55 55 55 VAL VAL A . n 
A 1 56 THR 56 56 56 THR THR A . n 
A 1 57 ASN 57 57 57 ASN ASN A . n 
A 1 58 GLY 58 58 58 GLY GLY A . n 
A 1 59 LYS 59 59 59 LYS LYS A . n 
A 1 60 ASN 60 60 60 ASN ASN A . n 
A 1 61 ALA 61 61 61 ALA ALA A . n 
A 1 62 MET 62 62 62 MET MET A . n 
A 1 63 PRO 63 63 63 PRO PRO A . n 
A 1 64 GLY 64 64 64 GLY GLY A . n 
A 1 65 PHE 65 65 65 PHE PHE A . n 
A 1 66 ASN 66 66 66 ASN ASN A . n 
A 1 67 GLY 67 67 67 GLY GLY A . n 
A 1 68 ARG 68 68 68 ARG ARG A . n 
A 1 69 LEU 69 69 69 LEU LEU A . n 
A 1 70 SER 70 70 70 SER SER A . n 
A 1 71 PRO 71 71 71 PRO PRO A . n 
A 1 72 LEU 72 72 72 LEU LEU A . n 
A 1 73 GLN 73 73 73 GLN GLN A . n 
A 1 74 ILE 74 74 74 ILE ILE A . n 
A 1 75 GLU 75 75 75 GLU GLU A . n 
A 1 76 ASP 76 76 76 ASP ASP A . n 
A 1 77 VAL 77 77 77 VAL VAL A . n 
A 1 78 ALA 78 78 78 ALA ALA A . n 
A 1 79 ALA 79 79 79 ALA ALA A . n 
A 1 80 TYR 80 80 80 TYR TYR A . n 
A 1 81 VAL 81 81 81 VAL VAL A . n 
A 1 82 VAL 82 82 82 VAL VAL A . n 
A 1 83 ASP 83 83 83 ASP ASP A . n 
A 1 84 GLN 84 84 84 GLN GLN A . n 
A 1 85 ALA 85 85 85 ALA ALA A . n 
A 1 86 GLU 86 86 86 GLU GLU A . n 
A 1 87 LYS 87 87 87 LYS LYS A . n 
A 1 88 GLY 88 88 88 GLY GLY A . n 
A 1 89 TRP 89 89 89 TRP TRP A . n 
# 
_pdbx_nonpoly_scheme.asym_id         B 
_pdbx_nonpoly_scheme.entity_id       2 
_pdbx_nonpoly_scheme.mon_id          HEC 
_pdbx_nonpoly_scheme.ndb_seq_num     1 
_pdbx_nonpoly_scheme.pdb_seq_num     200 
_pdbx_nonpoly_scheme.auth_seq_num    200 
_pdbx_nonpoly_scheme.pdb_mon_id      HEC 
_pdbx_nonpoly_scheme.auth_mon_id     HEM 
_pdbx_nonpoly_scheme.pdb_strand_id   A 
_pdbx_nonpoly_scheme.pdb_ins_code    . 
# 
loop_
_software.name 
_software.classification 
_software.version 
_software.citation_id 
_software.pdbx_ordinal 
AMoRE     phasing        . ? 1 
CNS       refinement     . ? 2 
SCALEPACK 'data scaling' . ? 3 
# 
_cell.entry_id           1F1F 
_cell.length_a           79.400 
_cell.length_b           67.800 
_cell.length_c           49.700 
_cell.angle_alpha        90.00 
_cell.angle_beta         90.00 
_cell.angle_gamma        90.00 
_cell.Z_PDB              4 
_cell.pdbx_unique_axis   ? 
# 
_symmetry.entry_id                         1F1F 
_symmetry.space_group_name_H-M             'P 21 21 21' 
_symmetry.pdbx_full_space_group_name_H-M   ? 
_symmetry.cell_setting                     ? 
_symmetry.Int_Tables_number                19 
# 
_exptl.entry_id          1F1F 
_exptl.method            'X-RAY DIFFRACTION' 
_exptl.crystals_number   1 
# 
_exptl_crystal.id                    1 
_exptl_crystal.density_meas          ? 
_exptl_crystal.density_percent_sol   ? 
_exptl_crystal.density_Matthews      ? 
_exptl_crystal.description           ? 
# 
_exptl_crystal_grow.crystal_id      1 
_exptl_crystal_grow.method          'VAPOR DIFFUSION, HANGING DROP' 
_exptl_crystal_grow.pH              7.8 
_exptl_crystal_grow.temp            298.0 
_exptl_crystal_grow.temp_details    ? 
_exptl_crystal_grow.pdbx_details    
;0.1 M Tris, pH 7.8,  
2.4 M (NH4)2SO4,  
0.5 M LiSO4,  
1% Glycerol, VAPOR DIFFUSION, HANGING DROP, temperature 298.0K
;
_exptl_crystal_grow.pdbx_pH_range   . 
# 
_diffrn.id                     1 
_diffrn.ambient_temp           298.0 
_diffrn.ambient_temp_details   ? 
_diffrn.crystal_id             1 
# 
_diffrn_detector.diffrn_id              1 
_diffrn_detector.detector               'IMAGE PLATE' 
_diffrn_detector.type                   'RIGAKU RAXIS' 
_diffrn_detector.pdbx_collection_date   1995-06-01 
_diffrn_detector.details                ? 
# 
_diffrn_radiation.diffrn_id                        1 
_diffrn_radiation.wavelength_id                    1 
_diffrn_radiation.monochromator                    ? 
_diffrn_radiation.pdbx_monochromatic_or_laue_m_l   M 
_diffrn_radiation.pdbx_diffrn_protocol             'SINGLE WAVELENGTH' 
_diffrn_radiation.pdbx_scattering_type             x-ray 
# 
_diffrn_radiation_wavelength.id           1 
_diffrn_radiation_wavelength.wavelength   1.54 
_diffrn_radiation_wavelength.wt           1.0 
# 
_diffrn_source.diffrn_id                   1 
_diffrn_source.source                      'ROTATING ANODE' 
_diffrn_source.type                        'RIGAKU RU200' 
_diffrn_source.pdbx_wavelength             1.54 
_diffrn_source.pdbx_synchrotron_site       ? 
_diffrn_source.pdbx_synchrotron_beamline   ? 
_diffrn_source.pdbx_wavelength_list        ? 
# 
_reflns.entry_id                     1F1F 
_reflns.observed_criterion_sigma_I   0.0 
_reflns.observed_criterion_sigma_F   0.0 
_reflns.d_resolution_low             50.0 
_reflns.d_resolution_high            2.7 
_reflns.number_obs                   7504 
_reflns.number_all                   7504 
_reflns.percent_possible_obs         80.8 
_reflns.pdbx_Rmerge_I_obs            0.0860000 
_reflns.pdbx_Rsym_value              ? 
_reflns.pdbx_netI_over_sigmaI        9.2 
_reflns.B_iso_Wilson_estimate        27.6 
_reflns.pdbx_redundancy              3.2 
_reflns.R_free_details               ? 
_reflns.limit_h_max                  ? 
_reflns.limit_h_min                  ? 
_reflns.limit_k_max                  ? 
_reflns.limit_k_min                  ? 
_reflns.limit_l_max                  ? 
_reflns.limit_l_min                  ? 
_reflns.observed_criterion_F_max     ? 
_reflns.observed_criterion_F_min     ? 
_reflns.pdbx_diffrn_id               1 
_reflns.pdbx_ordinal                 1 
# 
_reflns_shell.d_res_high             2.75 
_reflns_shell.d_res_low              3.00 
_reflns_shell.percent_possible_obs   ? 
_reflns_shell.percent_possible_all   74.0 
_reflns_shell.Rmerge_I_obs           ? 
_reflns_shell.meanI_over_sigI_obs    ? 
_reflns_shell.pdbx_Rsym_value        ? 
_reflns_shell.pdbx_redundancy        ? 
_reflns_shell.number_unique_all      1212 
_reflns_shell.pdbx_diffrn_id         ? 
_reflns_shell.pdbx_ordinal           1 
# 
_refine.entry_id                                 1F1F 
_refine.ls_number_reflns_obs                     7504 
_refine.ls_number_reflns_all                     7504 
_refine.pdbx_ls_sigma_I                          0.0 
_refine.pdbx_ls_sigma_F                          0.0 
_refine.pdbx_data_cutoff_high_absF               ? 
_refine.pdbx_data_cutoff_low_absF                ? 
_refine.ls_d_res_low                             50.0 
_refine.ls_d_res_high                            2.7 
_refine.ls_percent_reflns_obs                    80.4 
_refine.ls_R_factor_obs                          0.2330000 
_refine.ls_R_factor_all                          0.2330000 
_refine.ls_R_factor_R_work                       0.2320000 
_refine.ls_R_factor_R_free                       0.2550000 
_refine.ls_R_factor_R_free_error                 ? 
_refine.ls_R_factor_R_free_error_details         ? 
_refine.ls_percent_reflns_R_free                 ? 
_refine.ls_number_reflns_R_free                  344 
_refine.ls_number_parameters                     ? 
_refine.ls_number_restraints                     ? 
_refine.occupancy_min                            ? 
_refine.occupancy_max                            ? 
_refine.B_iso_mean                               ? 
_refine.aniso_B[1][1]                            ? 
_refine.aniso_B[2][2]                            ? 
_refine.aniso_B[3][3]                            ? 
_refine.aniso_B[1][2]                            ? 
_refine.aniso_B[1][3]                            ? 
_refine.aniso_B[2][3]                            ? 
_refine.solvent_model_details                    ? 
_refine.solvent_model_param_ksol                 ? 
_refine.solvent_model_param_bsol                 ? 
_refine.pdbx_ls_cross_valid_method               ? 
_refine.details                                  ? 
_refine.pdbx_starting_model                      ? 
_refine.pdbx_method_to_determine_struct          ? 
_refine.pdbx_isotropic_thermal_model             ? 
_refine.pdbx_stereochemistry_target_values       'Engh & Huber' 
_refine.pdbx_stereochem_target_val_spec_case     ? 
_refine.pdbx_R_Free_selection_details            '5% Random' 
_refine.pdbx_overall_ESU_R_Free                  ? 
_refine.overall_SU_B                             ? 
_refine.ls_redundancy_reflns_obs                 ? 
_refine.B_iso_min                                ? 
_refine.B_iso_max                                ? 
_refine.overall_SU_ML                            ? 
_refine.pdbx_overall_ESU_R                       ? 
_refine.pdbx_data_cutoff_high_rms_absF           ? 
_refine.correlation_coeff_Fo_to_Fc               ? 
_refine.correlation_coeff_Fo_to_Fc_free          ? 
_refine.overall_SU_R_Cruickshank_DPI             ? 
_refine.overall_SU_R_free                        ? 
_refine.pdbx_refine_id                           'X-RAY DIFFRACTION' 
_refine.pdbx_diffrn_id                           1 
_refine.pdbx_TLS_residual_ADP_flag               ? 
_refine.pdbx_solvent_vdw_probe_radii             ? 
_refine.pdbx_solvent_ion_probe_radii             ? 
_refine.pdbx_solvent_shrinkage_radii             ? 
_refine.pdbx_overall_phase_error                 ? 
_refine.pdbx_overall_SU_R_free_Cruickshank_DPI   ? 
_refine.pdbx_overall_SU_R_Blow_DPI               ? 
_refine.pdbx_overall_SU_R_free_Blow_DPI          ? 
# 
_refine_hist.pdbx_refine_id                   'X-RAY DIFFRACTION' 
_refine_hist.cycle_id                         LAST 
_refine_hist.pdbx_number_atoms_protein        643 
_refine_hist.pdbx_number_atoms_nucleic_acid   0 
_refine_hist.pdbx_number_atoms_ligand         43 
_refine_hist.number_atoms_solvent             0 
_refine_hist.number_atoms_total               686 
_refine_hist.d_res_high                       2.7 
_refine_hist.d_res_low                        50.0 
# 
loop_
_refine_ls_restr.type 
_refine_ls_restr.dev_ideal 
_refine_ls_restr.dev_ideal_target 
_refine_ls_restr.weight 
_refine_ls_restr.number 
_refine_ls_restr.pdbx_refine_id 
_refine_ls_restr.pdbx_restraint_function 
c_bond_d    0.011486 ? ? ? 'X-RAY DIFFRACTION' ? 
c_angle_deg 1.21714  ? ? ? 'X-RAY DIFFRACTION' ? 
# 
_struct.entry_id                  1F1F 
_struct.title                     'CRYSTAL STRUCTURE OF CYTOCHROME C6 FROM ARTHROSPIRA MAXIMA' 
_struct.pdbx_model_details        ? 
_struct.pdbx_CASP_flag            ? 
_struct.pdbx_model_type_details   ? 
# 
_struct_keywords.entry_id        1F1F 
_struct_keywords.pdbx_keywords   'ELECTRON TRANSPORT' 
_struct_keywords.text            'cytochrome c6, heme, protein structure, cyanobacteria, photosynthesis, ELECTRON TRANSPORT' 
# 
loop_
_struct_asym.id 
_struct_asym.pdbx_blank_PDB_chainid_flag 
_struct_asym.pdbx_modified 
_struct_asym.entity_id 
_struct_asym.details 
A N N 1 ? 
B N N 2 ? 
# 
_struct_ref.id                         1 
_struct_ref.db_code                    CYC6_SPIMA 
_struct_ref.db_name                    UNP 
_struct_ref.entity_id                  1 
_struct_ref.pdbx_db_accession          P00118 
_struct_ref.pdbx_align_begin           ? 
_struct_ref.pdbx_seq_one_letter_code   ? 
_struct_ref.pdbx_db_isoform            ? 
# 
_struct_ref_seq.align_id                      1 
_struct_ref_seq.ref_id                        1 
_struct_ref_seq.pdbx_PDB_id_code              1F1F 
_struct_ref_seq.pdbx_strand_id                A 
_struct_ref_seq.seq_align_beg                 1 
_struct_ref_seq.pdbx_seq_align_beg_ins_code   ? 
_struct_ref_seq.seq_align_end                 89 
_struct_ref_seq.pdbx_seq_align_end_ins_code   ? 
_struct_ref_seq.pdbx_db_accession             P00118 
_struct_ref_seq.db_align_beg                  1 
_struct_ref_seq.pdbx_db_align_beg_ins_code    ? 
_struct_ref_seq.db_align_end                  89 
_struct_ref_seq.pdbx_db_align_end_ins_code    ? 
_struct_ref_seq.pdbx_auth_seq_align_beg       1 
_struct_ref_seq.pdbx_auth_seq_align_end       89 
# 
_struct_ref_seq_dif.align_id                     1 
_struct_ref_seq_dif.pdbx_pdb_id_code             1F1F 
_struct_ref_seq_dif.mon_id                       LEU 
_struct_ref_seq_dif.pdbx_pdb_strand_id           A 
_struct_ref_seq_dif.seq_num                      72 
_struct_ref_seq_dif.pdbx_pdb_ins_code            ? 
_struct_ref_seq_dif.pdbx_seq_db_name             UNP 
_struct_ref_seq_dif.pdbx_seq_db_accession_code   P00118 
_struct_ref_seq_dif.db_mon_id                    LYS 
_struct_ref_seq_dif.pdbx_seq_db_seq_num          72 
_struct_ref_seq_dif.details                      conflict 
_struct_ref_seq_dif.pdbx_auth_seq_num            72 
_struct_ref_seq_dif.pdbx_ordinal                 1 
# 
_pdbx_struct_assembly.id                   1 
_pdbx_struct_assembly.details              author_defined_assembly 
_pdbx_struct_assembly.method_details       ? 
_pdbx_struct_assembly.oligomeric_details   monomeric 
_pdbx_struct_assembly.oligomeric_count     1 
# 
_pdbx_struct_assembly_gen.assembly_id       1 
_pdbx_struct_assembly_gen.oper_expression   1 
_pdbx_struct_assembly_gen.asym_id_list      A,B 
# 
_pdbx_struct_oper_list.id                   1 
_pdbx_struct_oper_list.type                 'identity operation' 
_pdbx_struct_oper_list.name                 1_555 
_pdbx_struct_oper_list.symmetry_operation   x,y,z 
_pdbx_struct_oper_list.matrix[1][1]         1.0000000000 
_pdbx_struct_oper_list.matrix[1][2]         0.0000000000 
_pdbx_struct_oper_list.matrix[1][3]         0.0000000000 
_pdbx_struct_oper_list.vector[1]            0.0000000000 
_pdbx_struct_oper_list.matrix[2][1]         0.0000000000 
_pdbx_struct_oper_list.matrix[2][2]         1.0000000000 
_pdbx_struct_oper_list.matrix[2][3]         0.0000000000 
_pdbx_struct_oper_list.vector[2]            0.0000000000 
_pdbx_struct_oper_list.matrix[3][1]         0.0000000000 
_pdbx_struct_oper_list.matrix[3][2]         0.0000000000 
_pdbx_struct_oper_list.matrix[3][3]         1.0000000000 
_pdbx_struct_oper_list.vector[3]            0.0000000000 
# 
loop_
_struct_conf.conf_type_id 
_struct_conf.id 
_struct_conf.pdbx_PDB_helix_id 
_struct_conf.beg_label_comp_id 
_struct_conf.beg_label_asym_id 
_struct_conf.beg_label_seq_id 
_struct_conf.pdbx_beg_PDB_ins_code 
_struct_conf.end_label_comp_id 
_struct_conf.end_label_asym_id 
_struct_conf.end_label_seq_id 
_struct_conf.pdbx_end_PDB_ins_code 
_struct_conf.beg_auth_comp_id 
_struct_conf.beg_auth_asym_id 
_struct_conf.beg_auth_seq_id 
_struct_conf.end_auth_comp_id 
_struct_conf.end_auth_asym_id 
_struct_conf.end_auth_seq_id 
_struct_conf.pdbx_PDB_helix_class 
_struct_conf.details 
_struct_conf.pdbx_PDB_helix_length 
HELX_P HELX_P1 1 ASP A 2  ? CYS A 14 ? ASP A 2  CYS A 14 1 ? 13 
HELX_P HELX_P2 2 CYS A 14 ? MET A 19 ? CYS A 14 MET A 19 1 ? 6  
HELX_P HELX_P3 3 GLY A 20 ? ARG A 22 ? GLY A 20 ARG A 22 5 ? 3  
HELX_P HELX_P4 4 SER A 32 ? LEU A 40 ? SER A 32 LEU A 40 1 ? 9  
HELX_P HELX_P5 5 ASP A 46 ? GLY A 58 ? ASP A 46 GLY A 58 1 ? 13 
HELX_P HELX_P6 6 SER A 70 ? GLY A 88 ? SER A 70 GLY A 88 1 ? 19 
# 
_struct_conf_type.id          HELX_P 
_struct_conf_type.criteria    ? 
_struct_conf_type.reference   ? 
# 
loop_
_struct_conn.id 
_struct_conn.conn_type_id 
_struct_conn.pdbx_leaving_atom_flag 
_struct_conn.pdbx_PDB_id 
_struct_conn.ptnr1_label_asym_id 
_struct_conn.ptnr1_label_comp_id 
_struct_conn.ptnr1_label_seq_id 
_struct_conn.ptnr1_label_atom_id 
_struct_conn.pdbx_ptnr1_label_alt_id 
_struct_conn.pdbx_ptnr1_PDB_ins_code 
_struct_conn.pdbx_ptnr1_standard_comp_id 
_struct_conn.ptnr1_symmetry 
_struct_conn.ptnr2_label_asym_id 
_struct_conn.ptnr2_label_comp_id 
_struct_conn.ptnr2_label_seq_id 
_struct_conn.ptnr2_label_atom_id 
_struct_conn.pdbx_ptnr2_label_alt_id 
_struct_conn.pdbx_ptnr2_PDB_ins_code 
_struct_conn.ptnr1_auth_asym_id 
_struct_conn.ptnr1_auth_comp_id 
_struct_conn.ptnr1_auth_seq_id 
_struct_conn.ptnr2_auth_asym_id 
_struct_conn.ptnr2_auth_comp_id 
_struct_conn.ptnr2_auth_seq_id 
_struct_conn.ptnr2_symmetry 
_struct_conn.pdbx_ptnr3_label_atom_id 
_struct_conn.pdbx_ptnr3_label_seq_id 
_struct_conn.pdbx_ptnr3_label_comp_id 
_struct_conn.pdbx_ptnr3_label_asym_id 
_struct_conn.pdbx_ptnr3_label_alt_id 
_struct_conn.pdbx_ptnr3_PDB_ins_code 
_struct_conn.details 
_struct_conn.pdbx_dist_value 
_struct_conn.pdbx_value_order 
_struct_conn.pdbx_role 
covale1 covale none ? A CYS 14 SG  ? ? ? 1_555 B HEC . CAB ? ? A CYS 14 A HEC 200 1_555 ? ? ? ? ? ? ? 1.828 ? ? 
covale2 covale none ? A CYS 17 SG  ? ? ? 1_555 B HEC . CAC ? ? A CYS 17 A HEC 200 1_555 ? ? ? ? ? ? ? 1.830 ? ? 
metalc1 metalc ?    ? A HIS 18 NE2 ? ? ? 1_555 B HEC . FE  ? ? A HIS 18 A HEC 200 1_555 ? ? ? ? ? ? ? 2.017 ? ? 
metalc2 metalc ?    ? A MET 62 SD  ? ? ? 1_555 B HEC . FE  ? ? A MET 62 A HEC 200 1_555 ? ? ? ? ? ? ? 2.330 ? ? 
# 
loop_
_struct_conn_type.id 
_struct_conn_type.criteria 
_struct_conn_type.reference 
covale ? ? 
metalc ? ? 
# 
loop_
_pdbx_struct_conn_angle.id 
_pdbx_struct_conn_angle.ptnr1_label_atom_id 
_pdbx_struct_conn_angle.ptnr1_label_alt_id 
_pdbx_struct_conn_angle.ptnr1_label_asym_id 
_pdbx_struct_conn_angle.ptnr1_label_comp_id 
_pdbx_struct_conn_angle.ptnr1_label_seq_id 
_pdbx_struct_conn_angle.ptnr1_auth_atom_id 
_pdbx_struct_conn_angle.ptnr1_auth_asym_id 
_pdbx_struct_conn_angle.ptnr1_auth_comp_id 
_pdbx_struct_conn_angle.ptnr1_auth_seq_id 
_pdbx_struct_conn_angle.ptnr1_PDB_ins_code 
_pdbx_struct_conn_angle.ptnr1_symmetry 
_pdbx_struct_conn_angle.ptnr2_label_atom_id 
_pdbx_struct_conn_angle.ptnr2_label_alt_id 
_pdbx_struct_conn_angle.ptnr2_label_asym_id 
_pdbx_struct_conn_angle.ptnr2_label_comp_id 
_pdbx_struct_conn_angle.ptnr2_label_seq_id 
_pdbx_struct_conn_angle.ptnr2_auth_atom_id 
_pdbx_struct_conn_angle.ptnr2_auth_asym_id 
_pdbx_struct_conn_angle.ptnr2_auth_comp_id 
_pdbx_struct_conn_angle.ptnr2_auth_seq_id 
_pdbx_struct_conn_angle.ptnr2_PDB_ins_code 
_pdbx_struct_conn_angle.ptnr2_symmetry 
_pdbx_struct_conn_angle.ptnr3_label_atom_id 
_pdbx_struct_conn_angle.ptnr3_label_alt_id 
_pdbx_struct_conn_angle.ptnr3_label_asym_id 
_pdbx_struct_conn_angle.ptnr3_label_comp_id 
_pdbx_struct_conn_angle.ptnr3_label_seq_id 
_pdbx_struct_conn_angle.ptnr3_auth_atom_id 
_pdbx_struct_conn_angle.ptnr3_auth_asym_id 
_pdbx_struct_conn_angle.ptnr3_auth_comp_id 
_pdbx_struct_conn_angle.ptnr3_auth_seq_id 
_pdbx_struct_conn_angle.ptnr3_PDB_ins_code 
_pdbx_struct_conn_angle.ptnr3_symmetry 
_pdbx_struct_conn_angle.value 
_pdbx_struct_conn_angle.value_esd 
1  NE2 ? A HIS 18 ? A HIS 18  ? 1_555 FE ? B HEC . ? A HEC 200 ? 1_555 NA ? B HEC .  ? A HEC 200 ? 1_555 92.4  ? 
2  NE2 ? A HIS 18 ? A HIS 18  ? 1_555 FE ? B HEC . ? A HEC 200 ? 1_555 NB ? B HEC .  ? A HEC 200 ? 1_555 91.1  ? 
3  NA  ? B HEC .  ? A HEC 200 ? 1_555 FE ? B HEC . ? A HEC 200 ? 1_555 NB ? B HEC .  ? A HEC 200 ? 1_555 91.7  ? 
4  NE2 ? A HIS 18 ? A HIS 18  ? 1_555 FE ? B HEC . ? A HEC 200 ? 1_555 NC ? B HEC .  ? A HEC 200 ? 1_555 86.9  ? 
5  NA  ? B HEC .  ? A HEC 200 ? 1_555 FE ? B HEC . ? A HEC 200 ? 1_555 NC ? B HEC .  ? A HEC 200 ? 1_555 179.3 ? 
6  NB  ? B HEC .  ? A HEC 200 ? 1_555 FE ? B HEC . ? A HEC 200 ? 1_555 NC ? B HEC .  ? A HEC 200 ? 1_555 88.6  ? 
7  NE2 ? A HIS 18 ? A HIS 18  ? 1_555 FE ? B HEC . ? A HEC 200 ? 1_555 ND ? B HEC .  ? A HEC 200 ? 1_555 85.9  ? 
8  NA  ? B HEC .  ? A HEC 200 ? 1_555 FE ? B HEC . ? A HEC 200 ? 1_555 ND ? B HEC .  ? A HEC 200 ? 1_555 90.2  ? 
9  NB  ? B HEC .  ? A HEC 200 ? 1_555 FE ? B HEC . ? A HEC 200 ? 1_555 ND ? B HEC .  ? A HEC 200 ? 1_555 176.4 ? 
10 NC  ? B HEC .  ? A HEC 200 ? 1_555 FE ? B HEC . ? A HEC 200 ? 1_555 ND ? B HEC .  ? A HEC 200 ? 1_555 89.4  ? 
11 NE2 ? A HIS 18 ? A HIS 18  ? 1_555 FE ? B HEC . ? A HEC 200 ? 1_555 SD ? A MET 62 ? A MET 62  ? 1_555 170.5 ? 
12 NA  ? B HEC .  ? A HEC 200 ? 1_555 FE ? B HEC . ? A HEC 200 ? 1_555 SD ? A MET 62 ? A MET 62  ? 1_555 95.4  ? 
13 NB  ? B HEC .  ? A HEC 200 ? 1_555 FE ? B HEC . ? A HEC 200 ? 1_555 SD ? A MET 62 ? A MET 62  ? 1_555 94.1  ? 
14 NC  ? B HEC .  ? A HEC 200 ? 1_555 FE ? B HEC . ? A HEC 200 ? 1_555 SD ? A MET 62 ? A MET 62  ? 1_555 85.3  ? 
15 ND  ? B HEC .  ? A HEC 200 ? 1_555 FE ? B HEC . ? A HEC 200 ? 1_555 SD ? A MET 62 ? A MET 62  ? 1_555 88.7  ? 
# 
loop_
_pdbx_modification_feature.ordinal 
_pdbx_modification_feature.label_comp_id 
_pdbx_modification_feature.label_asym_id 
_pdbx_modification_feature.label_seq_id 
_pdbx_modification_feature.label_alt_id 
_pdbx_modification_feature.modified_residue_label_comp_id 
_pdbx_modification_feature.modified_residue_label_asym_id 
_pdbx_modification_feature.modified_residue_label_seq_id 
_pdbx_modification_feature.modified_residue_label_alt_id 
_pdbx_modification_feature.auth_comp_id 
_pdbx_modification_feature.auth_asym_id 
_pdbx_modification_feature.auth_seq_id 
_pdbx_modification_feature.PDB_ins_code 
_pdbx_modification_feature.symmetry 
_pdbx_modification_feature.modified_residue_auth_comp_id 
_pdbx_modification_feature.modified_residue_auth_asym_id 
_pdbx_modification_feature.modified_residue_auth_seq_id 
_pdbx_modification_feature.modified_residue_PDB_ins_code 
_pdbx_modification_feature.modified_residue_symmetry 
_pdbx_modification_feature.comp_id_linking_atom 
_pdbx_modification_feature.modified_residue_id_linking_atom 
_pdbx_modification_feature.modified_residue_id 
_pdbx_modification_feature.ref_pcm_id 
_pdbx_modification_feature.ref_comp_id 
_pdbx_modification_feature.type 
_pdbx_modification_feature.category 
1 HEC B . ? CYS A 14 ? HEC A 200 ? 1_555 CYS A 14 ? 1_555 CAB SG CYS 2 HEC None Heme/heme-like 
2 HEC B . ? CYS A 17 ? HEC A 200 ? 1_555 CYS A 17 ? 1_555 CAC SG CYS 3 HEC None Heme/heme-like 
# 
_struct_site.id                   AC1 
_struct_site.pdbx_evidence_code   Software 
_struct_site.pdbx_auth_asym_id    A 
_struct_site.pdbx_auth_comp_id    HEC 
_struct_site.pdbx_auth_seq_id     200 
_struct_site.pdbx_auth_ins_code   ? 
_struct_site.pdbx_num_residues    18 
_struct_site.details              'BINDING SITE FOR RESIDUE HEC A 200' 
# 
loop_
_struct_site_gen.id 
_struct_site_gen.site_id 
_struct_site_gen.pdbx_num_res 
_struct_site_gen.label_comp_id 
_struct_site_gen.label_asym_id 
_struct_site_gen.label_seq_id 
_struct_site_gen.pdbx_auth_ins_code 
_struct_site_gen.auth_comp_id 
_struct_site_gen.auth_asym_id 
_struct_site_gen.auth_seq_id 
_struct_site_gen.label_atom_id 
_struct_site_gen.label_alt_id 
_struct_site_gen.symmetry 
_struct_site_gen.details 
1  AC1 18 ASN A 13 ? ASN A 13 . ? 1_555 ? 
2  AC1 18 CYS A 14 ? CYS A 14 . ? 1_555 ? 
3  AC1 18 CYS A 17 ? CYS A 17 . ? 1_555 ? 
4  AC1 18 HIS A 18 ? HIS A 18 . ? 1_555 ? 
5  AC1 18 ASN A 23 ? ASN A 23 . ? 1_555 ? 
6  AC1 18 LYS A 29 ? LYS A 29 . ? 1_555 ? 
7  AC1 18 THR A 30 ? THR A 30 . ? 1_555 ? 
8  AC1 18 LEU A 31 ? LEU A 31 . ? 1_555 ? 
9  AC1 18 ASP A 35 ? ASP A 35 . ? 1_555 ? 
10 AC1 18 LEU A 36 ? LEU A 36 . ? 1_555 ? 
11 AC1 18 TYR A 39 ? TYR A 39 . ? 1_555 ? 
12 AC1 18 GLN A 54 ? GLN A 54 . ? 1_555 ? 
13 AC1 18 VAL A 55 ? VAL A 55 . ? 1_555 ? 
14 AC1 18 LYS A 59 ? LYS A 59 . ? 1_555 ? 
15 AC1 18 ASN A 60 ? ASN A 60 . ? 1_555 ? 
16 AC1 18 ALA A 61 ? ALA A 61 . ? 1_555 ? 
17 AC1 18 MET A 62 ? MET A 62 . ? 1_555 ? 
18 AC1 18 GLU A 86 ? GLU A 86 . ? 2_554 ? 
# 
_pdbx_entry_details.entry_id                   1F1F 
_pdbx_entry_details.compound_details           ? 
_pdbx_entry_details.source_details             ? 
_pdbx_entry_details.nonpolymer_details         ? 
_pdbx_entry_details.sequence_details           ? 
_pdbx_entry_details.has_ligand_of_interest     ? 
_pdbx_entry_details.has_protein_modification   Y 
# 
loop_
_pdbx_validate_torsion.id 
_pdbx_validate_torsion.PDB_model_num 
_pdbx_validate_torsion.auth_comp_id 
_pdbx_validate_torsion.auth_asym_id 
_pdbx_validate_torsion.auth_seq_id 
_pdbx_validate_torsion.PDB_ins_code 
_pdbx_validate_torsion.label_alt_id 
_pdbx_validate_torsion.phi 
_pdbx_validate_torsion.psi 
1 1 ARG A 22 ? ? -105.45 -158.74 
2 1 LYS A 29 ? ? -114.68 52.33   
3 1 ASN A 60 ? ? 46.30   -123.24 
# 
_pdbx_unobs_or_zero_occ_residues.id               1 
_pdbx_unobs_or_zero_occ_residues.PDB_model_num    1 
_pdbx_unobs_or_zero_occ_residues.polymer_flag     Y 
_pdbx_unobs_or_zero_occ_residues.occupancy_flag   1 
_pdbx_unobs_or_zero_occ_residues.auth_asym_id     A 
_pdbx_unobs_or_zero_occ_residues.auth_comp_id     GLY 
_pdbx_unobs_or_zero_occ_residues.auth_seq_id      1 
_pdbx_unobs_or_zero_occ_residues.PDB_ins_code     ? 
_pdbx_unobs_or_zero_occ_residues.label_asym_id    A 
_pdbx_unobs_or_zero_occ_residues.label_comp_id    GLY 
_pdbx_unobs_or_zero_occ_residues.label_seq_id     1 
# 
loop_
_chem_comp_atom.comp_id 
_chem_comp_atom.atom_id 
_chem_comp_atom.type_symbol 
_chem_comp_atom.pdbx_aromatic_flag 
_chem_comp_atom.pdbx_stereo_config 
_chem_comp_atom.pdbx_ordinal 
ALA N    N  N N 1   
ALA CA   C  N S 2   
ALA C    C  N N 3   
ALA O    O  N N 4   
ALA CB   C  N N 5   
ALA OXT  O  N N 6   
ALA H    H  N N 7   
ALA H2   H  N N 8   
ALA HA   H  N N 9   
ALA HB1  H  N N 10  
ALA HB2  H  N N 11  
ALA HB3  H  N N 12  
ALA HXT  H  N N 13  
ARG N    N  N N 14  
ARG CA   C  N S 15  
ARG C    C  N N 16  
ARG O    O  N N 17  
ARG CB   C  N N 18  
ARG CG   C  N N 19  
ARG CD   C  N N 20  
ARG NE   N  N N 21  
ARG CZ   C  N N 22  
ARG NH1  N  N N 23  
ARG NH2  N  N N 24  
ARG OXT  O  N N 25  
ARG H    H  N N 26  
ARG H2   H  N N 27  
ARG HA   H  N N 28  
ARG HB2  H  N N 29  
ARG HB3  H  N N 30  
ARG HG2  H  N N 31  
ARG HG3  H  N N 32  
ARG HD2  H  N N 33  
ARG HD3  H  N N 34  
ARG HE   H  N N 35  
ARG HH11 H  N N 36  
ARG HH12 H  N N 37  
ARG HH21 H  N N 38  
ARG HH22 H  N N 39  
ARG HXT  H  N N 40  
ASN N    N  N N 41  
ASN CA   C  N S 42  
ASN C    C  N N 43  
ASN O    O  N N 44  
ASN CB   C  N N 45  
ASN CG   C  N N 46  
ASN OD1  O  N N 47  
ASN ND2  N  N N 48  
ASN OXT  O  N N 49  
ASN H    H  N N 50  
ASN H2   H  N N 51  
ASN HA   H  N N 52  
ASN HB2  H  N N 53  
ASN HB3  H  N N 54  
ASN HD21 H  N N 55  
ASN HD22 H  N N 56  
ASN HXT  H  N N 57  
ASP N    N  N N 58  
ASP CA   C  N S 59  
ASP C    C  N N 60  
ASP O    O  N N 61  
ASP CB   C  N N 62  
ASP CG   C  N N 63  
ASP OD1  O  N N 64  
ASP OD2  O  N N 65  
ASP OXT  O  N N 66  
ASP H    H  N N 67  
ASP H2   H  N N 68  
ASP HA   H  N N 69  
ASP HB2  H  N N 70  
ASP HB3  H  N N 71  
ASP HD2  H  N N 72  
ASP HXT  H  N N 73  
CYS N    N  N N 74  
CYS CA   C  N R 75  
CYS C    C  N N 76  
CYS O    O  N N 77  
CYS CB   C  N N 78  
CYS SG   S  N N 79  
CYS OXT  O  N N 80  
CYS H    H  N N 81  
CYS H2   H  N N 82  
CYS HA   H  N N 83  
CYS HB2  H  N N 84  
CYS HB3  H  N N 85  
CYS HG   H  N N 86  
CYS HXT  H  N N 87  
GLN N    N  N N 88  
GLN CA   C  N S 89  
GLN C    C  N N 90  
GLN O    O  N N 91  
GLN CB   C  N N 92  
GLN CG   C  N N 93  
GLN CD   C  N N 94  
GLN OE1  O  N N 95  
GLN NE2  N  N N 96  
GLN OXT  O  N N 97  
GLN H    H  N N 98  
GLN H2   H  N N 99  
GLN HA   H  N N 100 
GLN HB2  H  N N 101 
GLN HB3  H  N N 102 
GLN HG2  H  N N 103 
GLN HG3  H  N N 104 
GLN HE21 H  N N 105 
GLN HE22 H  N N 106 
GLN HXT  H  N N 107 
GLU N    N  N N 108 
GLU CA   C  N S 109 
GLU C    C  N N 110 
GLU O    O  N N 111 
GLU CB   C  N N 112 
GLU CG   C  N N 113 
GLU CD   C  N N 114 
GLU OE1  O  N N 115 
GLU OE2  O  N N 116 
GLU OXT  O  N N 117 
GLU H    H  N N 118 
GLU H2   H  N N 119 
GLU HA   H  N N 120 
GLU HB2  H  N N 121 
GLU HB3  H  N N 122 
GLU HG2  H  N N 123 
GLU HG3  H  N N 124 
GLU HE2  H  N N 125 
GLU HXT  H  N N 126 
GLY N    N  N N 127 
GLY CA   C  N N 128 
GLY C    C  N N 129 
GLY O    O  N N 130 
GLY OXT  O  N N 131 
GLY H    H  N N 132 
GLY H2   H  N N 133 
GLY HA2  H  N N 134 
GLY HA3  H  N N 135 
GLY HXT  H  N N 136 
HEC FE   FE N N 137 
HEC CHA  C  N N 138 
HEC CHB  C  N N 139 
HEC CHC  C  N N 140 
HEC CHD  C  N N 141 
HEC NA   N  Y N 142 
HEC C1A  C  Y N 143 
HEC C2A  C  Y N 144 
HEC C3A  C  Y N 145 
HEC C4A  C  Y N 146 
HEC CMA  C  N N 147 
HEC CAA  C  N N 148 
HEC CBA  C  N N 149 
HEC CGA  C  N N 150 
HEC O1A  O  N N 151 
HEC O2A  O  N N 152 
HEC NB   N  Y N 153 
HEC C1B  C  Y N 154 
HEC C2B  C  Y N 155 
HEC C3B  C  Y N 156 
HEC C4B  C  Y N 157 
HEC CMB  C  N N 158 
HEC CAB  C  N N 159 
HEC CBB  C  N N 160 
HEC NC   N  Y N 161 
HEC C1C  C  Y N 162 
HEC C2C  C  Y N 163 
HEC C3C  C  Y N 164 
HEC C4C  C  Y N 165 
HEC CMC  C  N N 166 
HEC CAC  C  N N 167 
HEC CBC  C  N N 168 
HEC ND   N  Y N 169 
HEC C1D  C  Y N 170 
HEC C2D  C  Y N 171 
HEC C3D  C  Y N 172 
HEC C4D  C  Y N 173 
HEC CMD  C  N N 174 
HEC CAD  C  N N 175 
HEC CBD  C  N N 176 
HEC CGD  C  N N 177 
HEC O1D  O  N N 178 
HEC O2D  O  N N 179 
HEC HHA  H  N N 180 
HEC HHB  H  N N 181 
HEC HHC  H  N N 182 
HEC HHD  H  N N 183 
HEC HMA1 H  N N 184 
HEC HMA2 H  N N 185 
HEC HMA3 H  N N 186 
HEC HAA1 H  N N 187 
HEC HAA2 H  N N 188 
HEC HBA1 H  N N 189 
HEC HBA2 H  N N 190 
HEC H2A  H  N N 191 
HEC HMB1 H  N N 192 
HEC HMB2 H  N N 193 
HEC HMB3 H  N N 194 
HEC HAB  H  N N 195 
HEC HBB1 H  N N 196 
HEC HBB2 H  N N 197 
HEC HBB3 H  N N 198 
HEC HMC1 H  N N 199 
HEC HMC2 H  N N 200 
HEC HMC3 H  N N 201 
HEC HAC  H  N N 202 
HEC HBC1 H  N N 203 
HEC HBC2 H  N N 204 
HEC HBC3 H  N N 205 
HEC HMD1 H  N N 206 
HEC HMD2 H  N N 207 
HEC HMD3 H  N N 208 
HEC HAD1 H  N N 209 
HEC HAD2 H  N N 210 
HEC HBD1 H  N N 211 
HEC HBD2 H  N N 212 
HEC H2D  H  N N 213 
HIS N    N  N N 214 
HIS CA   C  N S 215 
HIS C    C  N N 216 
HIS O    O  N N 217 
HIS CB   C  N N 218 
HIS CG   C  Y N 219 
HIS ND1  N  Y N 220 
HIS CD2  C  Y N 221 
HIS CE1  C  Y N 222 
HIS NE2  N  Y N 223 
HIS OXT  O  N N 224 
HIS H    H  N N 225 
HIS H2   H  N N 226 
HIS HA   H  N N 227 
HIS HB2  H  N N 228 
HIS HB3  H  N N 229 
HIS HD1  H  N N 230 
HIS HD2  H  N N 231 
HIS HE1  H  N N 232 
HIS HE2  H  N N 233 
HIS HXT  H  N N 234 
ILE N    N  N N 235 
ILE CA   C  N S 236 
ILE C    C  N N 237 
ILE O    O  N N 238 
ILE CB   C  N S 239 
ILE CG1  C  N N 240 
ILE CG2  C  N N 241 
ILE CD1  C  N N 242 
ILE OXT  O  N N 243 
ILE H    H  N N 244 
ILE H2   H  N N 245 
ILE HA   H  N N 246 
ILE HB   H  N N 247 
ILE HG12 H  N N 248 
ILE HG13 H  N N 249 
ILE HG21 H  N N 250 
ILE HG22 H  N N 251 
ILE HG23 H  N N 252 
ILE HD11 H  N N 253 
ILE HD12 H  N N 254 
ILE HD13 H  N N 255 
ILE HXT  H  N N 256 
LEU N    N  N N 257 
LEU CA   C  N S 258 
LEU C    C  N N 259 
LEU O    O  N N 260 
LEU CB   C  N N 261 
LEU CG   C  N N 262 
LEU CD1  C  N N 263 
LEU CD2  C  N N 264 
LEU OXT  O  N N 265 
LEU H    H  N N 266 
LEU H2   H  N N 267 
LEU HA   H  N N 268 
LEU HB2  H  N N 269 
LEU HB3  H  N N 270 
LEU HG   H  N N 271 
LEU HD11 H  N N 272 
LEU HD12 H  N N 273 
LEU HD13 H  N N 274 
LEU HD21 H  N N 275 
LEU HD22 H  N N 276 
LEU HD23 H  N N 277 
LEU HXT  H  N N 278 
LYS N    N  N N 279 
LYS CA   C  N S 280 
LYS C    C  N N 281 
LYS O    O  N N 282 
LYS CB   C  N N 283 
LYS CG   C  N N 284 
LYS CD   C  N N 285 
LYS CE   C  N N 286 
LYS NZ   N  N N 287 
LYS OXT  O  N N 288 
LYS H    H  N N 289 
LYS H2   H  N N 290 
LYS HA   H  N N 291 
LYS HB2  H  N N 292 
LYS HB3  H  N N 293 
LYS HG2  H  N N 294 
LYS HG3  H  N N 295 
LYS HD2  H  N N 296 
LYS HD3  H  N N 297 
LYS HE2  H  N N 298 
LYS HE3  H  N N 299 
LYS HZ1  H  N N 300 
LYS HZ2  H  N N 301 
LYS HZ3  H  N N 302 
LYS HXT  H  N N 303 
MET N    N  N N 304 
MET CA   C  N S 305 
MET C    C  N N 306 
MET O    O  N N 307 
MET CB   C  N N 308 
MET CG   C  N N 309 
MET SD   S  N N 310 
MET CE   C  N N 311 
MET OXT  O  N N 312 
MET H    H  N N 313 
MET H2   H  N N 314 
MET HA   H  N N 315 
MET HB2  H  N N 316 
MET HB3  H  N N 317 
MET HG2  H  N N 318 
MET HG3  H  N N 319 
MET HE1  H  N N 320 
MET HE2  H  N N 321 
MET HE3  H  N N 322 
MET HXT  H  N N 323 
PHE N    N  N N 324 
PHE CA   C  N S 325 
PHE C    C  N N 326 
PHE O    O  N N 327 
PHE CB   C  N N 328 
PHE CG   C  Y N 329 
PHE CD1  C  Y N 330 
PHE CD2  C  Y N 331 
PHE CE1  C  Y N 332 
PHE CE2  C  Y N 333 
PHE CZ   C  Y N 334 
PHE OXT  O  N N 335 
PHE H    H  N N 336 
PHE H2   H  N N 337 
PHE HA   H  N N 338 
PHE HB2  H  N N 339 
PHE HB3  H  N N 340 
PHE HD1  H  N N 341 
PHE HD2  H  N N 342 
PHE HE1  H  N N 343 
PHE HE2  H  N N 344 
PHE HZ   H  N N 345 
PHE HXT  H  N N 346 
PRO N    N  N N 347 
PRO CA   C  N S 348 
PRO C    C  N N 349 
PRO O    O  N N 350 
PRO CB   C  N N 351 
PRO CG   C  N N 352 
PRO CD   C  N N 353 
PRO OXT  O  N N 354 
PRO H    H  N N 355 
PRO HA   H  N N 356 
PRO HB2  H  N N 357 
PRO HB3  H  N N 358 
PRO HG2  H  N N 359 
PRO HG3  H  N N 360 
PRO HD2  H  N N 361 
PRO HD3  H  N N 362 
PRO HXT  H  N N 363 
SER N    N  N N 364 
SER CA   C  N S 365 
SER C    C  N N 366 
SER O    O  N N 367 
SER CB   C  N N 368 
SER OG   O  N N 369 
SER OXT  O  N N 370 
SER H    H  N N 371 
SER H2   H  N N 372 
SER HA   H  N N 373 
SER HB2  H  N N 374 
SER HB3  H  N N 375 
SER HG   H  N N 376 
SER HXT  H  N N 377 
THR N    N  N N 378 
THR CA   C  N S 379 
THR C    C  N N 380 
THR O    O  N N 381 
THR CB   C  N R 382 
THR OG1  O  N N 383 
THR CG2  C  N N 384 
THR OXT  O  N N 385 
THR H    H  N N 386 
THR H2   H  N N 387 
THR HA   H  N N 388 
THR HB   H  N N 389 
THR HG1  H  N N 390 
THR HG21 H  N N 391 
THR HG22 H  N N 392 
THR HG23 H  N N 393 
THR HXT  H  N N 394 
TRP N    N  N N 395 
TRP CA   C  N S 396 
TRP C    C  N N 397 
TRP O    O  N N 398 
TRP CB   C  N N 399 
TRP CG   C  Y N 400 
TRP CD1  C  Y N 401 
TRP CD2  C  Y N 402 
TRP NE1  N  Y N 403 
TRP CE2  C  Y N 404 
TRP CE3  C  Y N 405 
TRP CZ2  C  Y N 406 
TRP CZ3  C  Y N 407 
TRP CH2  C  Y N 408 
TRP OXT  O  N N 409 
TRP H    H  N N 410 
TRP H2   H  N N 411 
TRP HA   H  N N 412 
TRP HB2  H  N N 413 
TRP HB3  H  N N 414 
TRP HD1  H  N N 415 
TRP HE1  H  N N 416 
TRP HE3  H  N N 417 
TRP HZ2  H  N N 418 
TRP HZ3  H  N N 419 
TRP HH2  H  N N 420 
TRP HXT  H  N N 421 
TYR N    N  N N 422 
TYR CA   C  N S 423 
TYR C    C  N N 424 
TYR O    O  N N 425 
TYR CB   C  N N 426 
TYR CG   C  Y N 427 
TYR CD1  C  Y N 428 
TYR CD2  C  Y N 429 
TYR CE1  C  Y N 430 
TYR CE2  C  Y N 431 
TYR CZ   C  Y N 432 
TYR OH   O  N N 433 
TYR OXT  O  N N 434 
TYR H    H  N N 435 
TYR H2   H  N N 436 
TYR HA   H  N N 437 
TYR HB2  H  N N 438 
TYR HB3  H  N N 439 
TYR HD1  H  N N 440 
TYR HD2  H  N N 441 
TYR HE1  H  N N 442 
TYR HE2  H  N N 443 
TYR HH   H  N N 444 
TYR HXT  H  N N 445 
VAL N    N  N N 446 
VAL CA   C  N S 447 
VAL C    C  N N 448 
VAL O    O  N N 449 
VAL CB   C  N N 450 
VAL CG1  C  N N 451 
VAL CG2  C  N N 452 
VAL OXT  O  N N 453 
VAL H    H  N N 454 
VAL H2   H  N N 455 
VAL HA   H  N N 456 
VAL HB   H  N N 457 
VAL HG11 H  N N 458 
VAL HG12 H  N N 459 
VAL HG13 H  N N 460 
VAL HG21 H  N N 461 
VAL HG22 H  N N 462 
VAL HG23 H  N N 463 
VAL HXT  H  N N 464 
# 
loop_
_chem_comp_bond.comp_id 
_chem_comp_bond.atom_id_1 
_chem_comp_bond.atom_id_2 
_chem_comp_bond.value_order 
_chem_comp_bond.pdbx_aromatic_flag 
_chem_comp_bond.pdbx_stereo_config 
_chem_comp_bond.pdbx_ordinal 
ALA N   CA   sing N N 1   
ALA N   H    sing N N 2   
ALA N   H2   sing N N 3   
ALA CA  C    sing N N 4   
ALA CA  CB   sing N N 5   
ALA CA  HA   sing N N 6   
ALA C   O    doub N N 7   
ALA C   OXT  sing N N 8   
ALA CB  HB1  sing N N 9   
ALA CB  HB2  sing N N 10  
ALA CB  HB3  sing N N 11  
ALA OXT HXT  sing N N 12  
ARG N   CA   sing N N 13  
ARG N   H    sing N N 14  
ARG N   H2   sing N N 15  
ARG CA  C    sing N N 16  
ARG CA  CB   sing N N 17  
ARG CA  HA   sing N N 18  
ARG C   O    doub N N 19  
ARG C   OXT  sing N N 20  
ARG CB  CG   sing N N 21  
ARG CB  HB2  sing N N 22  
ARG CB  HB3  sing N N 23  
ARG CG  CD   sing N N 24  
ARG CG  HG2  sing N N 25  
ARG CG  HG3  sing N N 26  
ARG CD  NE   sing N N 27  
ARG CD  HD2  sing N N 28  
ARG CD  HD3  sing N N 29  
ARG NE  CZ   sing N N 30  
ARG NE  HE   sing N N 31  
ARG CZ  NH1  sing N N 32  
ARG CZ  NH2  doub N N 33  
ARG NH1 HH11 sing N N 34  
ARG NH1 HH12 sing N N 35  
ARG NH2 HH21 sing N N 36  
ARG NH2 HH22 sing N N 37  
ARG OXT HXT  sing N N 38  
ASN N   CA   sing N N 39  
ASN N   H    sing N N 40  
ASN N   H2   sing N N 41  
ASN CA  C    sing N N 42  
ASN CA  CB   sing N N 43  
ASN CA  HA   sing N N 44  
ASN C   O    doub N N 45  
ASN C   OXT  sing N N 46  
ASN CB  CG   sing N N 47  
ASN CB  HB2  sing N N 48  
ASN CB  HB3  sing N N 49  
ASN CG  OD1  doub N N 50  
ASN CG  ND2  sing N N 51  
ASN ND2 HD21 sing N N 52  
ASN ND2 HD22 sing N N 53  
ASN OXT HXT  sing N N 54  
ASP N   CA   sing N N 55  
ASP N   H    sing N N 56  
ASP N   H2   sing N N 57  
ASP CA  C    sing N N 58  
ASP CA  CB   sing N N 59  
ASP CA  HA   sing N N 60  
ASP C   O    doub N N 61  
ASP C   OXT  sing N N 62  
ASP CB  CG   sing N N 63  
ASP CB  HB2  sing N N 64  
ASP CB  HB3  sing N N 65  
ASP CG  OD1  doub N N 66  
ASP CG  OD2  sing N N 67  
ASP OD2 HD2  sing N N 68  
ASP OXT HXT  sing N N 69  
CYS N   CA   sing N N 70  
CYS N   H    sing N N 71  
CYS N   H2   sing N N 72  
CYS CA  C    sing N N 73  
CYS CA  CB   sing N N 74  
CYS CA  HA   sing N N 75  
CYS C   O    doub N N 76  
CYS C   OXT  sing N N 77  
CYS CB  SG   sing N N 78  
CYS CB  HB2  sing N N 79  
CYS CB  HB3  sing N N 80  
CYS SG  HG   sing N N 81  
CYS OXT HXT  sing N N 82  
GLN N   CA   sing N N 83  
GLN N   H    sing N N 84  
GLN N   H2   sing N N 85  
GLN CA  C    sing N N 86  
GLN CA  CB   sing N N 87  
GLN CA  HA   sing N N 88  
GLN C   O    doub N N 89  
GLN C   OXT  sing N N 90  
GLN CB  CG   sing N N 91  
GLN CB  HB2  sing N N 92  
GLN CB  HB3  sing N N 93  
GLN CG  CD   sing N N 94  
GLN CG  HG2  sing N N 95  
GLN CG  HG3  sing N N 96  
GLN CD  OE1  doub N N 97  
GLN CD  NE2  sing N N 98  
GLN NE2 HE21 sing N N 99  
GLN NE2 HE22 sing N N 100 
GLN OXT HXT  sing N N 101 
GLU N   CA   sing N N 102 
GLU N   H    sing N N 103 
GLU N   H2   sing N N 104 
GLU CA  C    sing N N 105 
GLU CA  CB   sing N N 106 
GLU CA  HA   sing N N 107 
GLU C   O    doub N N 108 
GLU C   OXT  sing N N 109 
GLU CB  CG   sing N N 110 
GLU CB  HB2  sing N N 111 
GLU CB  HB3  sing N N 112 
GLU CG  CD   sing N N 113 
GLU CG  HG2  sing N N 114 
GLU CG  HG3  sing N N 115 
GLU CD  OE1  doub N N 116 
GLU CD  OE2  sing N N 117 
GLU OE2 HE2  sing N N 118 
GLU OXT HXT  sing N N 119 
GLY N   CA   sing N N 120 
GLY N   H    sing N N 121 
GLY N   H2   sing N N 122 
GLY CA  C    sing N N 123 
GLY CA  HA2  sing N N 124 
GLY CA  HA3  sing N N 125 
GLY C   O    doub N N 126 
GLY C   OXT  sing N N 127 
GLY OXT HXT  sing N N 128 
HEC FE  NA   sing N N 129 
HEC FE  NB   sing N N 130 
HEC FE  NC   sing N N 131 
HEC FE  ND   sing N N 132 
HEC CHA C1A  doub N N 133 
HEC CHA C4D  sing N N 134 
HEC CHA HHA  sing N N 135 
HEC CHB C4A  doub N N 136 
HEC CHB C1B  sing N N 137 
HEC CHB HHB  sing N N 138 
HEC CHC C4B  doub N N 139 
HEC CHC C1C  sing N N 140 
HEC CHC HHC  sing N N 141 
HEC CHD C4C  doub N N 142 
HEC CHD C1D  sing N N 143 
HEC CHD HHD  sing N N 144 
HEC NA  C1A  sing Y N 145 
HEC NA  C4A  sing Y N 146 
HEC C1A C2A  sing Y N 147 
HEC C2A C3A  doub Y N 148 
HEC C2A CAA  sing N N 149 
HEC C3A C4A  sing Y N 150 
HEC C3A CMA  sing N N 151 
HEC CMA HMA1 sing N N 152 
HEC CMA HMA2 sing N N 153 
HEC CMA HMA3 sing N N 154 
HEC CAA CBA  sing N N 155 
HEC CAA HAA1 sing N N 156 
HEC CAA HAA2 sing N N 157 
HEC CBA CGA  sing N N 158 
HEC CBA HBA1 sing N N 159 
HEC CBA HBA2 sing N N 160 
HEC CGA O1A  doub N N 161 
HEC CGA O2A  sing N N 162 
HEC O2A H2A  sing N N 163 
HEC NB  C1B  sing Y N 164 
HEC NB  C4B  sing Y N 165 
HEC C1B C2B  doub Y N 166 
HEC C2B C3B  sing Y N 167 
HEC C2B CMB  sing N N 168 
HEC C3B C4B  sing Y N 169 
HEC C3B CAB  doub N E 170 
HEC CMB HMB1 sing N N 171 
HEC CMB HMB2 sing N N 172 
HEC CMB HMB3 sing N N 173 
HEC CAB CBB  sing N N 174 
HEC CAB HAB  sing N N 175 
HEC CBB HBB1 sing N N 176 
HEC CBB HBB2 sing N N 177 
HEC CBB HBB3 sing N N 178 
HEC NC  C1C  sing Y N 179 
HEC NC  C4C  sing Y N 180 
HEC C1C C2C  doub Y N 181 
HEC C2C C3C  sing Y N 182 
HEC C2C CMC  sing N N 183 
HEC C3C C4C  sing Y N 184 
HEC C3C CAC  doub N E 185 
HEC CMC HMC1 sing N N 186 
HEC CMC HMC2 sing N N 187 
HEC CMC HMC3 sing N N 188 
HEC CAC CBC  sing N N 189 
HEC CAC HAC  sing N N 190 
HEC CBC HBC1 sing N N 191 
HEC CBC HBC2 sing N N 192 
HEC CBC HBC3 sing N N 193 
HEC ND  C1D  sing Y N 194 
HEC ND  C4D  sing Y N 195 
HEC C1D C2D  doub Y N 196 
HEC C2D C3D  sing Y N 197 
HEC C2D CMD  sing N N 198 
HEC C3D C4D  doub Y N 199 
HEC C3D CAD  sing N N 200 
HEC CMD HMD1 sing N N 201 
HEC CMD HMD2 sing N N 202 
HEC CMD HMD3 sing N N 203 
HEC CAD CBD  sing N N 204 
HEC CAD HAD1 sing N N 205 
HEC CAD HAD2 sing N N 206 
HEC CBD CGD  sing N N 207 
HEC CBD HBD1 sing N N 208 
HEC CBD HBD2 sing N N 209 
HEC CGD O1D  doub N N 210 
HEC CGD O2D  sing N N 211 
HEC O2D H2D  sing N N 212 
HIS N   CA   sing N N 213 
HIS N   H    sing N N 214 
HIS N   H2   sing N N 215 
HIS CA  C    sing N N 216 
HIS CA  CB   sing N N 217 
HIS CA  HA   sing N N 218 
HIS C   O    doub N N 219 
HIS C   OXT  sing N N 220 
HIS CB  CG   sing N N 221 
HIS CB  HB2  sing N N 222 
HIS CB  HB3  sing N N 223 
HIS CG  ND1  sing Y N 224 
HIS CG  CD2  doub Y N 225 
HIS ND1 CE1  doub Y N 226 
HIS ND1 HD1  sing N N 227 
HIS CD2 NE2  sing Y N 228 
HIS CD2 HD2  sing N N 229 
HIS CE1 NE2  sing Y N 230 
HIS CE1 HE1  sing N N 231 
HIS NE2 HE2  sing N N 232 
HIS OXT HXT  sing N N 233 
ILE N   CA   sing N N 234 
ILE N   H    sing N N 235 
ILE N   H2   sing N N 236 
ILE CA  C    sing N N 237 
ILE CA  CB   sing N N 238 
ILE CA  HA   sing N N 239 
ILE C   O    doub N N 240 
ILE C   OXT  sing N N 241 
ILE CB  CG1  sing N N 242 
ILE CB  CG2  sing N N 243 
ILE CB  HB   sing N N 244 
ILE CG1 CD1  sing N N 245 
ILE CG1 HG12 sing N N 246 
ILE CG1 HG13 sing N N 247 
ILE CG2 HG21 sing N N 248 
ILE CG2 HG22 sing N N 249 
ILE CG2 HG23 sing N N 250 
ILE CD1 HD11 sing N N 251 
ILE CD1 HD12 sing N N 252 
ILE CD1 HD13 sing N N 253 
ILE OXT HXT  sing N N 254 
LEU N   CA   sing N N 255 
LEU N   H    sing N N 256 
LEU N   H2   sing N N 257 
LEU CA  C    sing N N 258 
LEU CA  CB   sing N N 259 
LEU CA  HA   sing N N 260 
LEU C   O    doub N N 261 
LEU C   OXT  sing N N 262 
LEU CB  CG   sing N N 263 
LEU CB  HB2  sing N N 264 
LEU CB  HB3  sing N N 265 
LEU CG  CD1  sing N N 266 
LEU CG  CD2  sing N N 267 
LEU CG  HG   sing N N 268 
LEU CD1 HD11 sing N N 269 
LEU CD1 HD12 sing N N 270 
LEU CD1 HD13 sing N N 271 
LEU CD2 HD21 sing N N 272 
LEU CD2 HD22 sing N N 273 
LEU CD2 HD23 sing N N 274 
LEU OXT HXT  sing N N 275 
LYS N   CA   sing N N 276 
LYS N   H    sing N N 277 
LYS N   H2   sing N N 278 
LYS CA  C    sing N N 279 
LYS CA  CB   sing N N 280 
LYS CA  HA   sing N N 281 
LYS C   O    doub N N 282 
LYS C   OXT  sing N N 283 
LYS CB  CG   sing N N 284 
LYS CB  HB2  sing N N 285 
LYS CB  HB3  sing N N 286 
LYS CG  CD   sing N N 287 
LYS CG  HG2  sing N N 288 
LYS CG  HG3  sing N N 289 
LYS CD  CE   sing N N 290 
LYS CD  HD2  sing N N 291 
LYS CD  HD3  sing N N 292 
LYS CE  NZ   sing N N 293 
LYS CE  HE2  sing N N 294 
LYS CE  HE3  sing N N 295 
LYS NZ  HZ1  sing N N 296 
LYS NZ  HZ2  sing N N 297 
LYS NZ  HZ3  sing N N 298 
LYS OXT HXT  sing N N 299 
MET N   CA   sing N N 300 
MET N   H    sing N N 301 
MET N   H2   sing N N 302 
MET CA  C    sing N N 303 
MET CA  CB   sing N N 304 
MET CA  HA   sing N N 305 
MET C   O    doub N N 306 
MET C   OXT  sing N N 307 
MET CB  CG   sing N N 308 
MET CB  HB2  sing N N 309 
MET CB  HB3  sing N N 310 
MET CG  SD   sing N N 311 
MET CG  HG2  sing N N 312 
MET CG  HG3  sing N N 313 
MET SD  CE   sing N N 314 
MET CE  HE1  sing N N 315 
MET CE  HE2  sing N N 316 
MET CE  HE3  sing N N 317 
MET OXT HXT  sing N N 318 
PHE N   CA   sing N N 319 
PHE N   H    sing N N 320 
PHE N   H2   sing N N 321 
PHE CA  C    sing N N 322 
PHE CA  CB   sing N N 323 
PHE CA  HA   sing N N 324 
PHE C   O    doub N N 325 
PHE C   OXT  sing N N 326 
PHE CB  CG   sing N N 327 
PHE CB  HB2  sing N N 328 
PHE CB  HB3  sing N N 329 
PHE CG  CD1  doub Y N 330 
PHE CG  CD2  sing Y N 331 
PHE CD1 CE1  sing Y N 332 
PHE CD1 HD1  sing N N 333 
PHE CD2 CE2  doub Y N 334 
PHE CD2 HD2  sing N N 335 
PHE CE1 CZ   doub Y N 336 
PHE CE1 HE1  sing N N 337 
PHE CE2 CZ   sing Y N 338 
PHE CE2 HE2  sing N N 339 
PHE CZ  HZ   sing N N 340 
PHE OXT HXT  sing N N 341 
PRO N   CA   sing N N 342 
PRO N   CD   sing N N 343 
PRO N   H    sing N N 344 
PRO CA  C    sing N N 345 
PRO CA  CB   sing N N 346 
PRO CA  HA   sing N N 347 
PRO C   O    doub N N 348 
PRO C   OXT  sing N N 349 
PRO CB  CG   sing N N 350 
PRO CB  HB2  sing N N 351 
PRO CB  HB3  sing N N 352 
PRO CG  CD   sing N N 353 
PRO CG  HG2  sing N N 354 
PRO CG  HG3  sing N N 355 
PRO CD  HD2  sing N N 356 
PRO CD  HD3  sing N N 357 
PRO OXT HXT  sing N N 358 
SER N   CA   sing N N 359 
SER N   H    sing N N 360 
SER N   H2   sing N N 361 
SER CA  C    sing N N 362 
SER CA  CB   sing N N 363 
SER CA  HA   sing N N 364 
SER C   O    doub N N 365 
SER C   OXT  sing N N 366 
SER CB  OG   sing N N 367 
SER CB  HB2  sing N N 368 
SER CB  HB3  sing N N 369 
SER OG  HG   sing N N 370 
SER OXT HXT  sing N N 371 
THR N   CA   sing N N 372 
THR N   H    sing N N 373 
THR N   H2   sing N N 374 
THR CA  C    sing N N 375 
THR CA  CB   sing N N 376 
THR CA  HA   sing N N 377 
THR C   O    doub N N 378 
THR C   OXT  sing N N 379 
THR CB  OG1  sing N N 380 
THR CB  CG2  sing N N 381 
THR CB  HB   sing N N 382 
THR OG1 HG1  sing N N 383 
THR CG2 HG21 sing N N 384 
THR CG2 HG22 sing N N 385 
THR CG2 HG23 sing N N 386 
THR OXT HXT  sing N N 387 
TRP N   CA   sing N N 388 
TRP N   H    sing N N 389 
TRP N   H2   sing N N 390 
TRP CA  C    sing N N 391 
TRP CA  CB   sing N N 392 
TRP CA  HA   sing N N 393 
TRP C   O    doub N N 394 
TRP C   OXT  sing N N 395 
TRP CB  CG   sing N N 396 
TRP CB  HB2  sing N N 397 
TRP CB  HB3  sing N N 398 
TRP CG  CD1  doub Y N 399 
TRP CG  CD2  sing Y N 400 
TRP CD1 NE1  sing Y N 401 
TRP CD1 HD1  sing N N 402 
TRP CD2 CE2  doub Y N 403 
TRP CD2 CE3  sing Y N 404 
TRP NE1 CE2  sing Y N 405 
TRP NE1 HE1  sing N N 406 
TRP CE2 CZ2  sing Y N 407 
TRP CE3 CZ3  doub Y N 408 
TRP CE3 HE3  sing N N 409 
TRP CZ2 CH2  doub Y N 410 
TRP CZ2 HZ2  sing N N 411 
TRP CZ3 CH2  sing Y N 412 
TRP CZ3 HZ3  sing N N 413 
TRP CH2 HH2  sing N N 414 
TRP OXT HXT  sing N N 415 
TYR N   CA   sing N N 416 
TYR N   H    sing N N 417 
TYR N   H2   sing N N 418 
TYR CA  C    sing N N 419 
TYR CA  CB   sing N N 420 
TYR CA  HA   sing N N 421 
TYR C   O    doub N N 422 
TYR C   OXT  sing N N 423 
TYR CB  CG   sing N N 424 
TYR CB  HB2  sing N N 425 
TYR CB  HB3  sing N N 426 
TYR CG  CD1  doub Y N 427 
TYR CG  CD2  sing Y N 428 
TYR CD1 CE1  sing Y N 429 
TYR CD1 HD1  sing N N 430 
TYR CD2 CE2  doub Y N 431 
TYR CD2 HD2  sing N N 432 
TYR CE1 CZ   doub Y N 433 
TYR CE1 HE1  sing N N 434 
TYR CE2 CZ   sing Y N 435 
TYR CE2 HE2  sing N N 436 
TYR CZ  OH   sing N N 437 
TYR OH  HH   sing N N 438 
TYR OXT HXT  sing N N 439 
VAL N   CA   sing N N 440 
VAL N   H    sing N N 441 
VAL N   H2   sing N N 442 
VAL CA  C    sing N N 443 
VAL CA  CB   sing N N 444 
VAL CA  HA   sing N N 445 
VAL C   O    doub N N 446 
VAL C   OXT  sing N N 447 
VAL CB  CG1  sing N N 448 
VAL CB  CG2  sing N N 449 
VAL CB  HB   sing N N 450 
VAL CG1 HG11 sing N N 451 
VAL CG1 HG12 sing N N 452 
VAL CG1 HG13 sing N N 453 
VAL CG2 HG21 sing N N 454 
VAL CG2 HG22 sing N N 455 
VAL CG2 HG23 sing N N 456 
VAL OXT HXT  sing N N 457 
# 
_atom_sites.entry_id                    1F1F 
_atom_sites.fract_transf_matrix[1][1]   0.01102949 
_atom_sites.fract_transf_matrix[1][2]   -0.00605988 
_atom_sites.fract_transf_matrix[1][3]   0.00048678 
_atom_sites.fract_transf_matrix[2][1]   -0.00092944 
_atom_sites.fract_transf_matrix[2][2]   -0.00285167 
_atom_sites.fract_transf_matrix[2][3]   -0.01444081 
_atom_sites.fract_transf_matrix[3][1]   0.00962973 
_atom_sites.fract_transf_matrix[3][2]   0.01720422 
_atom_sites.fract_transf_matrix[3][3]   -0.00401716 
_atom_sites.fract_transf_vector[1]      0.279856 
_atom_sites.fract_transf_vector[2]      0.013855 
_atom_sites.fract_transf_vector[3]      0.381985 
# 
loop_
_atom_type.symbol 
C  
FE 
N  
O  
S  
# 
loop_
_atom_site.group_PDB 
_atom_site.id 
_atom_site.type_symbol 
_atom_site.label_atom_id 
_atom_site.label_alt_id 
_atom_site.label_comp_id 
_atom_site.label_asym_id 
_atom_site.label_entity_id 
_atom_site.label_seq_id 
_atom_site.pdbx_PDB_ins_code 
_atom_site.Cartn_x 
_atom_site.Cartn_y 
_atom_site.Cartn_z 
_atom_site.occupancy 
_atom_site.B_iso_or_equiv 
_atom_site.pdbx_formal_charge 
_atom_site.auth_seq_id 
_atom_site.auth_comp_id 
_atom_site.auth_asym_id 
_atom_site.auth_atom_id 
_atom_site.pdbx_PDB_model_num 
ATOM   1   N  N   . ASP A 1 2  ? -2.221  7.592   -13.297 1.00 34.58 ? 2   ASP A N   1 
ATOM   2   C  CA  . ASP A 1 2  ? -1.266  6.975   -12.315 1.00 35.05 ? 2   ASP A CA  1 
ATOM   3   C  C   . ASP A 1 2  ? -1.909  6.798   -10.923 1.00 33.32 ? 2   ASP A C   1 
ATOM   4   O  O   . ASP A 1 2  ? -2.003  5.672   -10.420 1.00 32.70 ? 2   ASP A O   1 
ATOM   5   C  CB  . ASP A 1 2  ? 0.001   7.834   -12.217 1.00 36.51 ? 2   ASP A CB  1 
ATOM   6   C  CG  . ASP A 1 2  ? 1.278   6.994   -12.198 1.00 38.50 ? 2   ASP A CG  1 
ATOM   7   O  OD1 . ASP A 1 2  ? 1.868   6.817   -11.101 1.00 38.66 ? 2   ASP A OD1 1 
ATOM   8   O  OD2 . ASP A 1 2  ? 1.684   6.506   -13.285 1.00 38.44 ? 2   ASP A OD2 1 
ATOM   9   N  N   . VAL A 1 3  ? -2.351  7.895   -10.305 1.00 31.02 ? 3   VAL A N   1 
ATOM   10  C  CA  . VAL A 1 3  ? -2.997  7.806   -8.998  1.00 29.63 ? 3   VAL A CA  1 
ATOM   11  C  C   . VAL A 1 3  ? -4.458  7.374   -9.162  1.00 28.58 ? 3   VAL A C   1 
ATOM   12  O  O   . VAL A 1 3  ? -5.011  6.687   -8.296  1.00 29.13 ? 3   VAL A O   1 
ATOM   13  C  CB  . VAL A 1 3  ? -2.927  9.148   -8.228  1.00 29.44 ? 3   VAL A CB  1 
ATOM   14  C  CG1 . VAL A 1 3  ? -3.841  9.108   -6.998  1.00 29.26 ? 3   VAL A CG1 1 
ATOM   15  C  CG2 . VAL A 1 3  ? -1.492  9.405   -7.780  1.00 28.36 ? 3   VAL A CG2 1 
ATOM   16  N  N   . ALA A 1 4  ? -5.078  7.771   -10.272 1.00 26.46 ? 4   ALA A N   1 
ATOM   17  C  CA  . ALA A 1 4  ? -6.465  7.380   -10.551 1.00 24.31 ? 4   ALA A CA  1 
ATOM   18  C  C   . ALA A 1 4  ? -6.486  5.877   -10.869 1.00 22.81 ? 4   ALA A C   1 
ATOM   19  O  O   . ALA A 1 4  ? -7.424  5.156   -10.509 1.00 21.21 ? 4   ALA A O   1 
ATOM   20  C  CB  . ALA A 1 4  ? -7.008  8.175   -11.729 1.00 22.84 ? 4   ALA A CB  1 
ATOM   21  N  N   . ALA A 1 5  ? -5.440  5.414   -11.549 1.00 21.49 ? 5   ALA A N   1 
ATOM   22  C  CA  . ALA A 1 5  ? -5.318  4.001   -11.893 1.00 20.62 ? 5   ALA A CA  1 
ATOM   23  C  C   . ALA A 1 5  ? -5.075  3.224   -10.599 1.00 20.93 ? 5   ALA A C   1 
ATOM   24  O  O   . ALA A 1 5  ? -5.682  2.172   -10.366 1.00 20.38 ? 5   ALA A O   1 
ATOM   25  C  CB  . ALA A 1 5  ? -4.150  3.790   -12.862 1.00 18.88 ? 5   ALA A CB  1 
ATOM   26  N  N   . GLY A 1 6  ? -4.184  3.761   -9.764  1.00 20.05 ? 6   GLY A N   1 
ATOM   27  C  CA  . GLY A 1 6  ? -3.860  3.129   -8.501  1.00 18.80 ? 6   GLY A CA  1 
ATOM   28  C  C   . GLY A 1 6  ? -5.071  2.966   -7.608  1.00 18.92 ? 6   GLY A C   1 
ATOM   29  O  O   . GLY A 1 6  ? -5.159  2.006   -6.836  1.00 18.59 ? 6   GLY A O   1 
ATOM   30  N  N   . ALA A 1 7  ? -6.011  3.901   -7.715  1.00 17.91 ? 7   ALA A N   1 
ATOM   31  C  CA  . ALA A 1 7  ? -7.230  3.856   -6.913  1.00 18.21 ? 7   ALA A CA  1 
ATOM   32  C  C   . ALA A 1 7  ? -8.039  2.607   -7.258  1.00 18.54 ? 7   ALA A C   1 
ATOM   33  O  O   . ALA A 1 7  ? -8.575  1.932   -6.374  1.00 19.53 ? 7   ALA A O   1 
ATOM   34  C  CB  . ALA A 1 7  ? -8.064  5.109   -7.159  1.00 15.68 ? 7   ALA A CB  1 
ATOM   35  N  N   . SER A 1 8  ? -8.110  2.304   -8.550  1.00 18.36 ? 8   SER A N   1 
ATOM   36  C  CA  . SER A 1 8  ? -8.845  1.142   -9.039  1.00 17.93 ? 8   SER A CA  1 
ATOM   37  C  C   . SER A 1 8  ? -8.189  -0.166  -8.628  1.00 16.31 ? 8   SER A C   1 
ATOM   38  O  O   . SER A 1 8  ? -8.875  -1.128  -8.282  1.00 15.96 ? 8   SER A O   1 
ATOM   39  C  CB  . SER A 1 8  ? -8.957  1.192   -10.564 1.00 18.71 ? 8   SER A CB  1 
ATOM   40  O  OG  . SER A 1 8  ? -9.787  2.260   -10.962 1.00 22.29 ? 8   SER A OG  1 
ATOM   41  N  N   . VAL A 1 9  ? -6.862  -0.201  -8.685  1.00 14.60 ? 9   VAL A N   1 
ATOM   42  C  CA  . VAL A 1 9  ? -6.119  -1.391  -8.301  1.00 14.56 ? 9   VAL A CA  1 
ATOM   43  C  C   . VAL A 1 9  ? -6.334  -1.619  -6.811  1.00 14.98 ? 9   VAL A C   1 
ATOM   44  O  O   . VAL A 1 9  ? -6.434  -2.752  -6.342  1.00 14.98 ? 9   VAL A O   1 
ATOM   45  C  CB  . VAL A 1 9  ? -4.603  -1.216  -8.560  1.00 14.22 ? 9   VAL A CB  1 
ATOM   46  C  CG1 . VAL A 1 9  ? -3.842  -2.443  -8.070  1.00 13.19 ? 9   VAL A CG1 1 
ATOM   47  C  CG2 . VAL A 1 9  ? -4.349  -0.995  -10.046 1.00 13.58 ? 9   VAL A CG2 1 
ATOM   48  N  N   . PHE A 1 10 ? -6.408  -0.517  -6.074  1.00 14.21 ? 10  PHE A N   1 
ATOM   49  C  CA  . PHE A 1 10 ? -6.596  -0.572  -4.641  1.00 13.96 ? 10  PHE A CA  1 
ATOM   50  C  C   . PHE A 1 10 ? -7.948  -1.130  -4.214  1.00 14.42 ? 10  PHE A C   1 
ATOM   51  O  O   . PHE A 1 10 ? -8.018  -2.014  -3.365  1.00 13.44 ? 10  PHE A O   1 
ATOM   52  C  CB  . PHE A 1 10 ? -6.383  0.816   -4.022  1.00 13.03 ? 10  PHE A CB  1 
ATOM   53  C  CG  . PHE A 1 10 ? -6.487  0.822   -2.521  1.00 13.31 ? 10  PHE A CG  1 
ATOM   54  C  CD1 . PHE A 1 10 ? -7.705  1.073   -1.896  1.00 13.11 ? 10  PHE A CD1 1 
ATOM   55  C  CD2 . PHE A 1 10 ? -5.386  0.491   -1.732  1.00 12.74 ? 10  PHE A CD2 1 
ATOM   56  C  CE1 . PHE A 1 10 ? -7.829  0.988   -0.508  1.00 12.66 ? 10  PHE A CE1 1 
ATOM   57  C  CE2 . PHE A 1 10 ? -5.501  0.404   -0.342  1.00 12.16 ? 10  PHE A CE2 1 
ATOM   58  C  CZ  . PHE A 1 10 ? -6.725  0.652   0.267   1.00 12.58 ? 10  PHE A CZ  1 
ATOM   59  N  N   . SER A 1 11 ? -9.029  -0.629  -4.790  1.00 14.71 ? 11  SER A N   1 
ATOM   60  C  CA  . SER A 1 11 ? -10.322 -1.134  -4.376  1.00 16.21 ? 11  SER A CA  1 
ATOM   61  C  C   . SER A 1 11 ? -10.626 -2.535  -4.923  1.00 16.10 ? 11  SER A C   1 
ATOM   62  O  O   . SER A 1 11 ? -11.485 -3.239  -4.388  1.00 17.59 ? 11  SER A O   1 
ATOM   63  C  CB  . SER A 1 11 ? -11.425 -0.138  -4.745  1.00 15.98 ? 11  SER A CB  1 
ATOM   64  O  OG  . SER A 1 11 ? -11.429 0.121   -6.123  1.00 17.93 ? 11  SER A OG  1 
ATOM   65  N  N   . ALA A 1 12 ? -9.908  -2.950  -5.964  1.00 14.39 ? 12  ALA A N   1 
ATOM   66  C  CA  . ALA A 1 12 ? -10.106 -4.277  -6.537  1.00 13.48 ? 12  ALA A CA  1 
ATOM   67  C  C   . ALA A 1 12 ? -9.230  -5.326  -5.860  1.00 13.74 ? 12  ALA A C   1 
ATOM   68  O  O   . ALA A 1 12 ? -9.516  -6.517  -5.936  1.00 14.70 ? 12  ALA A O   1 
ATOM   69  C  CB  . ALA A 1 12 ? -9.810  -4.257  -8.027  1.00 11.20 ? 12  ALA A CB  1 
ATOM   70  N  N   . ASN A 1 13 ? -8.164  -4.891  -5.198  1.00 13.87 ? 13  ASN A N   1 
ATOM   71  C  CA  . ASN A 1 13 ? -7.265  -5.833  -4.554  1.00 14.22 ? 13  ASN A CA  1 
ATOM   72  C  C   . ASN A 1 13 ? -6.927  -5.532  -3.097  1.00 14.52 ? 13  ASN A C   1 
ATOM   73  O  O   . ASN A 1 13 ? -6.364  -6.385  -2.416  1.00 15.33 ? 13  ASN A O   1 
ATOM   74  C  CB  . ASN A 1 13 ? -5.932  -5.923  -5.324  1.00 14.84 ? 13  ASN A CB  1 
ATOM   75  C  CG  . ASN A 1 13 ? -6.106  -6.227  -6.806  1.00 16.63 ? 13  ASN A CG  1 
ATOM   76  O  OD1 . ASN A 1 13 ? -6.241  -5.321  -7.631  1.00 17.54 ? 13  ASN A OD1 1 
ATOM   77  N  ND2 . ASN A 1 13 ? -6.100  -7.509  -7.150  1.00 17.03 ? 13  ASN A ND2 1 
ATOM   78  N  N   . CYS A 1 14 ? -7.273  -4.345  -2.603  1.00 14.13 ? 14  CYS A N   1 
ATOM   79  C  CA  . CYS A 1 14 ? -6.872  -3.985  -1.241  1.00 14.95 ? 14  CYS A CA  1 
ATOM   80  C  C   . CYS A 1 14 ? -7.949  -3.565  -0.252  1.00 15.36 ? 14  CYS A C   1 
ATOM   81  O  O   . CYS A 1 14 ? -7.827  -3.825  0.943   1.00 15.92 ? 14  CYS A O   1 
ATOM   82  C  CB  . CYS A 1 14 ? -5.825  -2.863  -1.308  1.00 14.71 ? 14  CYS A CB  1 
ATOM   83  S  SG  . CYS A 1 14 ? -4.743  -2.903  -2.758  1.00 13.87 ? 14  CYS A SG  1 
ATOM   84  N  N   . ALA A 1 15 ? -8.980  -2.895  -0.747  1.00 15.54 ? 15  ALA A N   1 
ATOM   85  C  CA  . ALA A 1 15 ? -10.067 -2.414  0.091   1.00 15.21 ? 15  ALA A CA  1 
ATOM   86  C  C   . ALA A 1 15 ? -10.655 -3.480  1.028   1.00 15.60 ? 15  ALA A C   1 
ATOM   87  O  O   . ALA A 1 15 ? -11.139 -3.156  2.110   1.00 16.56 ? 15  ALA A O   1 
ATOM   88  C  CB  . ALA A 1 15 ? -11.157 -1.821  -0.795  1.00 14.38 ? 15  ALA A CB  1 
ATOM   89  N  N   . ALA A 1 16 ? -10.614 -4.744  0.617   1.00 16.62 ? 16  ALA A N   1 
ATOM   90  C  CA  . ALA A 1 16 ? -11.137 -5.839  1.431   1.00 18.66 ? 16  ALA A CA  1 
ATOM   91  C  C   . ALA A 1 16 ? -10.531 -5.854  2.828   1.00 20.62 ? 16  ALA A C   1 
ATOM   92  O  O   . ALA A 1 16 ? -11.206 -6.207  3.798   1.00 22.25 ? 16  ALA A O   1 
ATOM   93  C  CB  . ALA A 1 16 ? -10.855 -7.180  0.752   1.00 18.41 ? 16  ALA A CB  1 
ATOM   94  N  N   . CYS A 1 17 ? -9.254  -5.487  2.925   1.00 20.77 ? 17  CYS A N   1 
ATOM   95  C  CA  . CYS A 1 17 ? -8.555  -5.480  4.201   1.00 20.38 ? 17  CYS A CA  1 
ATOM   96  C  C   . CYS A 1 17 ? -8.112  -4.093  4.643   1.00 21.06 ? 17  CYS A C   1 
ATOM   97  O  O   . CYS A 1 17 ? -7.969  -3.838  5.835   1.00 21.89 ? 17  CYS A O   1 
ATOM   98  C  CB  . CYS A 1 17 ? -7.312  -6.360  4.122   1.00 19.59 ? 17  CYS A CB  1 
ATOM   99  S  SG  . CYS A 1 17 ? -7.585  -8.064  3.646   1.00 17.79 ? 17  CYS A SG  1 
ATOM   100 N  N   . HIS A 1 18 ? -7.882  -3.198  3.691   1.00 21.84 ? 18  HIS A N   1 
ATOM   101 C  CA  . HIS A 1 18 ? -7.416  -1.858  4.022   1.00 22.99 ? 18  HIS A CA  1 
ATOM   102 C  C   . HIS A 1 18 ? -8.454  -0.767  3.732   1.00 26.08 ? 18  HIS A C   1 
ATOM   103 O  O   . HIS A 1 18 ? -8.089  0.341   3.331   1.00 26.17 ? 18  HIS A O   1 
ATOM   104 C  CB  . HIS A 1 18 ? -6.112  -1.560  3.267   1.00 20.88 ? 18  HIS A CB  1 
ATOM   105 C  CG  . HIS A 1 18 ? -4.976  -2.471  3.627   1.00 18.65 ? 18  HIS A CG  1 
ATOM   106 N  ND1 . HIS A 1 18 ? -4.462  -2.568  4.904   1.00 17.87 ? 18  HIS A ND1 1 
ATOM   107 C  CD2 . HIS A 1 18 ? -4.232  -3.306  2.862   1.00 17.36 ? 18  HIS A CD2 1 
ATOM   108 C  CE1 . HIS A 1 18 ? -3.453  -3.418  4.909   1.00 16.47 ? 18  HIS A CE1 1 
ATOM   109 N  NE2 . HIS A 1 18 ? -3.292  -3.880  3.683   1.00 18.51 ? 18  HIS A NE2 1 
ATOM   110 N  N   . MET A 1 19 ? -9.736  -1.073  3.936   1.00 29.66 ? 19  MET A N   1 
ATOM   111 C  CA  . MET A 1 19 ? -10.798 -0.092  3.710   1.00 32.44 ? 19  MET A CA  1 
ATOM   112 C  C   . MET A 1 19 ? -10.475 1.169   4.516   1.00 32.36 ? 19  MET A C   1 
ATOM   113 O  O   . MET A 1 19 ? -10.153 1.087   5.707   1.00 32.05 ? 19  MET A O   1 
ATOM   114 C  CB  . MET A 1 19 ? -12.140 -0.652  4.180   1.00 37.05 ? 19  MET A CB  1 
ATOM   115 C  CG  . MET A 1 19 ? -13.333 0.282   3.957   1.00 42.38 ? 19  MET A CG  1 
ATOM   116 S  SD  . MET A 1 19 ? -14.783 -0.280  4.915   1.00 49.16 ? 19  MET A SD  1 
ATOM   117 C  CE  . MET A 1 19 ? -15.297 -1.828  3.881   1.00 47.06 ? 19  MET A CE  1 
ATOM   118 N  N   . GLY A 1 20 ? -10.560 2.328   3.866   1.00 31.79 ? 20  GLY A N   1 
ATOM   119 C  CA  . GLY A 1 20 ? -10.281 3.583   4.545   1.00 31.91 ? 20  GLY A CA  1 
ATOM   120 C  C   . GLY A 1 20 ? -8.854  3.717   5.052   1.00 32.22 ? 20  GLY A C   1 
ATOM   121 O  O   . GLY A 1 20 ? -8.588  4.500   5.971   1.00 31.62 ? 20  GLY A O   1 
ATOM   122 N  N   . GLY A 1 21 ? -7.932  2.960   4.458   1.00 32.03 ? 21  GLY A N   1 
ATOM   123 C  CA  . GLY A 1 21 ? -6.542  3.027   4.877   1.00 31.33 ? 21  GLY A CA  1 
ATOM   124 C  C   . GLY A 1 21 ? -6.250  2.423   6.238   1.00 31.07 ? 21  GLY A C   1 
ATOM   125 O  O   . GLY A 1 21 ? -5.276  2.807   6.888   1.00 30.04 ? 21  GLY A O   1 
ATOM   126 N  N   . ARG A 1 22 ? -7.074  1.478   6.677   1.00 31.47 ? 22  ARG A N   1 
ATOM   127 C  CA  . ARG A 1 22 ? -6.849  0.837   7.970   1.00 32.41 ? 22  ARG A CA  1 
ATOM   128 C  C   . ARG A 1 22 ? -6.300  -0.572  7.755   1.00 31.84 ? 22  ARG A C   1 
ATOM   129 O  O   . ARG A 1 22 ? -5.742  -0.885  6.692   1.00 31.20 ? 22  ARG A O   1 
ATOM   130 C  CB  . ARG A 1 22 ? -8.160  0.760   8.750   1.00 34.61 ? 22  ARG A CB  1 
ATOM   131 C  CG  . ARG A 1 22 ? -9.173  1.782   8.280   1.00 37.66 ? 22  ARG A CG  1 
ATOM   132 C  CD  . ARG A 1 22 ? -10.461 1.712   9.074   1.00 41.47 ? 22  ARG A CD  1 
ATOM   133 N  NE  . ARG A 1 22 ? -10.375 2.522   10.286  1.00 45.34 ? 22  ARG A NE  1 
ATOM   134 C  CZ  . ARG A 1 22 ? -10.162 2.034   11.505  1.00 47.30 ? 22  ARG A CZ  1 
ATOM   135 N  NH1 . ARG A 1 22 ? -10.014 0.719   11.678  1.00 47.87 ? 22  ARG A NH1 1 
ATOM   136 N  NH2 . ARG A 1 22 ? -10.093 2.861   12.553  1.00 47.15 ? 22  ARG A NH2 1 
ATOM   137 N  N   . ASN A 1 23 ? -6.455  -1.418  8.768   1.00 30.78 ? 23  ASN A N   1 
ATOM   138 C  CA  . ASN A 1 23 ? -5.989  -2.795  8.682   1.00 30.64 ? 23  ASN A CA  1 
ATOM   139 C  C   . ASN A 1 23 ? -6.881  -3.692  9.528   1.00 30.85 ? 23  ASN A C   1 
ATOM   140 O  O   . ASN A 1 23 ? -6.606  -3.941  10.707  1.00 29.57 ? 23  ASN A O   1 
ATOM   141 C  CB  . ASN A 1 23 ? -4.542  -2.916  9.159   1.00 28.88 ? 23  ASN A CB  1 
ATOM   142 C  CG  . ASN A 1 23 ? -3.862  -4.164  8.618   1.00 28.12 ? 23  ASN A CG  1 
ATOM   143 O  OD1 . ASN A 1 23 ? -4.447  -5.252  8.615   1.00 26.29 ? 23  ASN A OD1 1 
ATOM   144 N  ND2 . ASN A 1 23 ? -2.619  -4.015  8.161   1.00 28.32 ? 23  ASN A ND2 1 
ATOM   145 N  N   . VAL A 1 24 ? -7.958  -4.169  8.915   1.00 32.22 ? 24  VAL A N   1 
ATOM   146 C  CA  . VAL A 1 24 ? -8.908  -5.036  9.599   1.00 33.96 ? 24  VAL A CA  1 
ATOM   147 C  C   . VAL A 1 24 ? -8.251  -6.227  10.309  1.00 33.92 ? 24  VAL A C   1 
ATOM   148 O  O   . VAL A 1 24 ? -8.717  -6.651  11.369  1.00 34.34 ? 24  VAL A O   1 
ATOM   149 C  CB  . VAL A 1 24 ? -9.964  -5.584  8.616   1.00 33.99 ? 24  VAL A CB  1 
ATOM   150 C  CG1 . VAL A 1 24 ? -10.850 -6.594  9.330   1.00 35.63 ? 24  VAL A CG1 1 
ATOM   151 C  CG2 . VAL A 1 24 ? -10.812 -4.449  8.071   1.00 33.90 ? 24  VAL A CG2 1 
ATOM   152 N  N   . ILE A 1 25 ? -7.178  -6.763  9.731   1.00 33.50 ? 25  ILE A N   1 
ATOM   153 C  CA  . ILE A 1 25 ? -6.504  -7.915  10.317  1.00 33.19 ? 25  ILE A CA  1 
ATOM   154 C  C   . ILE A 1 25 ? -5.556  -7.535  11.454  1.00 33.30 ? 25  ILE A C   1 
ATOM   155 O  O   . ILE A 1 25 ? -5.695  -8.033  12.571  1.00 34.13 ? 25  ILE A O   1 
ATOM   156 C  CB  . ILE A 1 25 ? -5.704  -8.712  9.261   1.00 33.76 ? 25  ILE A CB  1 
ATOM   157 C  CG1 . ILE A 1 25 ? -6.635  -9.278  8.181   1.00 33.86 ? 25  ILE A CG1 1 
ATOM   158 C  CG2 . ILE A 1 25 ? -4.987  -9.875  9.945   1.00 33.84 ? 25  ILE A CG2 1 
ATOM   159 C  CD1 . ILE A 1 25 ? -7.481  -8.237  7.435   1.00 36.41 ? 25  ILE A CD1 1 
ATOM   160 N  N   . VAL A 1 26 ? -4.585  -6.671  11.171  1.00 32.69 ? 26  VAL A N   1 
ATOM   161 C  CA  . VAL A 1 26 ? -3.635  -6.230  12.194  1.00 31.75 ? 26  VAL A CA  1 
ATOM   162 C  C   . VAL A 1 26 ? -3.883  -4.745  12.481  1.00 31.87 ? 26  VAL A C   1 
ATOM   163 O  O   . VAL A 1 26 ? -3.320  -3.852  11.834  1.00 30.92 ? 26  VAL A O   1 
ATOM   164 C  CB  . VAL A 1 26 ? -2.162  -6.474  11.742  1.00 31.21 ? 26  VAL A CB  1 
ATOM   165 C  CG1 . VAL A 1 26 ? -1.191  -5.858  12.740  1.00 30.39 ? 26  VAL A CG1 1 
ATOM   166 C  CG2 . VAL A 1 26 ? -1.896  -7.972  11.633  1.00 30.26 ? 26  VAL A CG2 1 
ATOM   167 N  N   . ALA A 1 27 ? -4.739  -4.502  13.471  1.00 32.68 ? 27  ALA A N   1 
ATOM   168 C  CA  . ALA A 1 27 ? -5.145  -3.150  13.868  1.00 33.79 ? 27  ALA A CA  1 
ATOM   169 C  C   . ALA A 1 27 ? -4.099  -2.026  13.847  1.00 34.14 ? 27  ALA A C   1 
ATOM   170 O  O   . ALA A 1 27 ? -4.368  -0.942  13.318  1.00 34.47 ? 27  ALA A O   1 
ATOM   171 C  CB  . ALA A 1 27 ? -5.808  -3.202  15.243  1.00 32.11 ? 27  ALA A CB  1 
ATOM   172 N  N   . ASN A 1 28 ? -2.918  -2.273  14.407  1.00 34.76 ? 28  ASN A N   1 
ATOM   173 C  CA  . ASN A 1 28 ? -1.887  -1.239  14.474  1.00 35.42 ? 28  ASN A CA  1 
ATOM   174 C  C   . ASN A 1 28 ? -0.977  -1.096  13.241  1.00 34.85 ? 28  ASN A C   1 
ATOM   175 O  O   . ASN A 1 28 ? 0.039   -0.385  13.296  1.00 34.63 ? 28  ASN A O   1 
ATOM   176 C  CB  . ASN A 1 28 ? -1.032  -1.456  15.735  1.00 37.75 ? 28  ASN A CB  1 
ATOM   177 C  CG  . ASN A 1 28 ? -0.074  -2.640  15.604  1.00 40.40 ? 28  ASN A CG  1 
ATOM   178 O  OD1 . ASN A 1 28 ? -0.396  -3.659  14.962  1.00 42.08 ? 28  ASN A OD1 1 
ATOM   179 N  ND2 . ASN A 1 28 ? 1.108   -2.518  16.218  1.00 40.81 ? 28  ASN A ND2 1 
ATOM   180 N  N   . LYS A 1 29 ? -1.342  -1.751  12.135  1.00 33.49 ? 29  LYS A N   1 
ATOM   181 C  CA  . LYS A 1 29 ? -0.557  -1.682  10.894  1.00 31.61 ? 29  LYS A CA  1 
ATOM   182 C  C   . LYS A 1 29 ? -1.304  -0.999  9.757   1.00 29.92 ? 29  LYS A C   1 
ATOM   183 O  O   . LYS A 1 29 ? -1.402  -1.543  8.650   1.00 29.99 ? 29  LYS A O   1 
ATOM   184 C  CB  . LYS A 1 29 ? -0.153  -3.083  10.443  1.00 32.47 ? 29  LYS A CB  1 
ATOM   185 C  CG  . LYS A 1 29 ? 0.906   -3.721  11.312  1.00 34.31 ? 29  LYS A CG  1 
ATOM   186 C  CD  . LYS A 1 29 ? 2.253   -3.002  11.206  1.00 34.97 ? 29  LYS A CD  1 
ATOM   187 C  CE  . LYS A 1 29 ? 3.302   -3.770  11.994  1.00 35.30 ? 29  LYS A CE  1 
ATOM   188 N  NZ  . LYS A 1 29 ? 3.245   -5.229  11.637  1.00 37.27 ? 29  LYS A NZ  1 
ATOM   189 N  N   . THR A 1 30 ? -1.814  0.197   10.026  1.00 28.00 ? 30  THR A N   1 
ATOM   190 C  CA  . THR A 1 30 ? -2.570  0.951   9.035   1.00 26.88 ? 30  THR A CA  1 
ATOM   191 C  C   . THR A 1 30 ? -1.718  1.533   7.916   1.00 26.18 ? 30  THR A C   1 
ATOM   192 O  O   . THR A 1 30 ? -0.487  1.427   7.922   1.00 25.65 ? 30  THR A O   1 
ATOM   193 C  CB  . THR A 1 30 ? -3.326  2.109   9.697   1.00 27.53 ? 30  THR A CB  1 
ATOM   194 O  OG1 . THR A 1 30 ? -2.387  2.998   10.324  1.00 26.86 ? 30  THR A OG1 1 
ATOM   195 C  CG2 . THR A 1 30 ? -4.302  1.569   10.736  1.00 26.56 ? 30  THR A CG2 1 
ATOM   196 N  N   . LEU A 1 31 ? -2.392  2.150   6.951   1.00 24.39 ? 31  LEU A N   1 
ATOM   197 C  CA  . LEU A 1 31 ? -1.706  2.767   5.829   1.00 22.74 ? 31  LEU A CA  1 
ATOM   198 C  C   . LEU A 1 31 ? -1.685  4.282   6.055   1.00 22.66 ? 31  LEU A C   1 
ATOM   199 O  O   . LEU A 1 31 ? -1.840  5.071   5.126   1.00 21.83 ? 31  LEU A O   1 
ATOM   200 C  CB  . LEU A 1 31 ? -2.425  2.417   4.525   1.00 22.01 ? 31  LEU A CB  1 
ATOM   201 C  CG  . LEU A 1 31 ? -2.701  0.920   4.292   1.00 22.15 ? 31  LEU A CG  1 
ATOM   202 C  CD1 . LEU A 1 31 ? -3.500  0.748   3.004   1.00 21.08 ? 31  LEU A CD1 1 
ATOM   203 C  CD2 . LEU A 1 31 ? -1.401  0.131   4.223   1.00 19.09 ? 31  LEU A CD2 1 
ATOM   204 N  N   . SER A 1 32 ? -1.521  4.675   7.316   1.00 22.81 ? 32  SER A N   1 
ATOM   205 C  CA  . SER A 1 32 ? -1.446  6.085   7.674   1.00 23.45 ? 32  SER A CA  1 
ATOM   206 C  C   . SER A 1 32 ? 0.013   6.490   7.483   1.00 24.59 ? 32  SER A C   1 
ATOM   207 O  O   . SER A 1 32 ? 0.907   5.636   7.466   1.00 23.23 ? 32  SER A O   1 
ATOM   208 C  CB  . SER A 1 32 ? -1.836  6.314   9.138   1.00 22.50 ? 32  SER A CB  1 
ATOM   209 O  OG  . SER A 1 32 ? -0.766  5.986   10.022  1.00 22.33 ? 32  SER A OG  1 
ATOM   210 N  N   . LYS A 1 33 ? 0.240   7.792   7.339   1.00 25.98 ? 33  LYS A N   1 
ATOM   211 C  CA  . LYS A 1 33 ? 1.580   8.333   7.152   1.00 27.23 ? 33  LYS A CA  1 
ATOM   212 C  C   . LYS A 1 33 ? 2.509   7.827   8.266   1.00 28.01 ? 33  LYS A C   1 
ATOM   213 O  O   . LYS A 1 33 ? 3.598   7.300   8.009   1.00 27.63 ? 33  LYS A O   1 
ATOM   214 C  CB  . LYS A 1 33 ? 1.521   9.862   7.190   1.00 28.00 ? 33  LYS A CB  1 
ATOM   215 C  CG  . LYS A 1 33 ? 2.625   10.544  6.415   1.00 31.18 ? 33  LYS A CG  1 
ATOM   216 C  CD  . LYS A 1 33 ? 2.860   11.989  6.882   1.00 33.43 ? 33  LYS A CD  1 
ATOM   217 C  CE  . LYS A 1 33 ? 1.599   12.855  6.798   1.00 35.13 ? 33  LYS A CE  1 
ATOM   218 N  NZ  . LYS A 1 33 ? 0.649   12.643  7.935   1.00 33.74 ? 33  LYS A NZ  1 
ATOM   219 N  N   . SER A 1 34 ? 2.053   7.986   9.506   1.00 28.59 ? 34  SER A N   1 
ATOM   220 C  CA  . SER A 1 34 ? 2.805   7.578   10.690  1.00 29.06 ? 34  SER A CA  1 
ATOM   221 C  C   . SER A 1 34 ? 3.171   6.096   10.686  1.00 28.78 ? 34  SER A C   1 
ATOM   222 O  O   . SER A 1 34 ? 4.337   5.730   10.867  1.00 28.38 ? 34  SER A O   1 
ATOM   223 C  CB  . SER A 1 34 ? 1.988   7.886   11.943  1.00 29.95 ? 34  SER A CB  1 
ATOM   224 O  OG  . SER A 1 34 ? 0.892   8.729   11.627  1.00 34.61 ? 34  SER A OG  1 
ATOM   225 N  N   . ASP A 1 35 ? 2.167   5.248   10.496  1.00 28.77 ? 35  ASP A N   1 
ATOM   226 C  CA  . ASP A 1 35 ? 2.388   3.807   10.483  1.00 29.49 ? 35  ASP A CA  1 
ATOM   227 C  C   . ASP A 1 35 ? 3.329   3.385   9.366   1.00 28.40 ? 35  ASP A C   1 
ATOM   228 O  O   . ASP A 1 35 ? 4.248   2.595   9.583   1.00 27.59 ? 35  ASP A O   1 
ATOM   229 C  CB  . ASP A 1 35 ? 1.047   3.084   10.369  1.00 31.08 ? 35  ASP A CB  1 
ATOM   230 C  CG  . ASP A 1 35 ? 0.425   2.821   11.721  1.00 31.88 ? 35  ASP A CG  1 
ATOM   231 O  OD1 . ASP A 1 35 ? 0.787   3.540   12.681  1.00 33.52 ? 35  ASP A OD1 1 
ATOM   232 O  OD2 . ASP A 1 35 ? -0.419  1.903   11.823  1.00 33.86 ? 35  ASP A OD2 1 
ATOM   233 N  N   . LEU A 1 36 ? 3.100   3.915   8.171   1.00 27.56 ? 36  LEU A N   1 
ATOM   234 C  CA  . LEU A 1 36 ? 3.958   3.609   7.038   1.00 27.71 ? 36  LEU A CA  1 
ATOM   235 C  C   . LEU A 1 36 ? 5.392   4.032   7.375   1.00 27.68 ? 36  LEU A C   1 
ATOM   236 O  O   . LEU A 1 36 ? 6.358   3.381   6.977   1.00 26.65 ? 36  LEU A O   1 
ATOM   237 C  CB  . LEU A 1 36 ? 3.457   4.342   5.789   1.00 27.08 ? 36  LEU A CB  1 
ATOM   238 C  CG  . LEU A 1 36 ? 2.753   3.521   4.691   1.00 27.38 ? 36  LEU A CG  1 
ATOM   239 C  CD1 . LEU A 1 36 ? 2.288   2.146   5.195   1.00 25.03 ? 36  LEU A CD1 1 
ATOM   240 C  CD2 . LEU A 1 36 ? 1.577   4.347   4.172   1.00 25.46 ? 36  LEU A CD2 1 
ATOM   241 N  N   . ALA A 1 37 ? 5.532   5.117   8.125   1.00 28.33 ? 37  ALA A N   1 
ATOM   242 C  CA  . ALA A 1 37 ? 6.857   5.583   8.500   1.00 29.73 ? 37  ALA A CA  1 
ATOM   243 C  C   . ALA A 1 37 ? 7.447   4.663   9.579   1.00 31.27 ? 37  ALA A C   1 
ATOM   244 O  O   . ALA A 1 37 ? 8.567   4.149   9.437   1.00 30.31 ? 37  ALA A O   1 
ATOM   245 C  CB  . ALA A 1 37 ? 6.782   7.014   8.999   1.00 28.83 ? 37  ALA A CB  1 
ATOM   246 N  N   . LYS A 1 38 ? 6.686   4.437   10.649  1.00 32.69 ? 38  LYS A N   1 
ATOM   247 C  CA  . LYS A 1 38 ? 7.155   3.577   11.729  1.00 34.53 ? 38  LYS A CA  1 
ATOM   248 C  C   . LYS A 1 38 ? 7.523   2.161   11.306  1.00 35.18 ? 38  LYS A C   1 
ATOM   249 O  O   . LYS A 1 38 ? 8.554   1.647   11.743  1.00 35.85 ? 38  LYS A O   1 
ATOM   250 C  CB  . LYS A 1 38 ? 6.124   3.471   12.857  1.00 35.64 ? 38  LYS A CB  1 
ATOM   251 C  CG  . LYS A 1 38 ? 5.857   4.754   13.645  1.00 38.13 ? 38  LYS A CG  1 
ATOM   252 C  CD  . LYS A 1 38 ? 5.213   4.422   14.998  1.00 39.79 ? 38  LYS A CD  1 
ATOM   253 C  CE  . LYS A 1 38 ? 4.136   3.335   14.869  1.00 41.99 ? 38  LYS A CE  1 
ATOM   254 N  NZ  . LYS A 1 38 ? 3.775   2.728   16.191  1.00 42.68 ? 38  LYS A NZ  1 
ATOM   255 N  N   . TYR A 1 39 ? 6.706   1.523   10.462  1.00 35.79 ? 39  TYR A N   1 
ATOM   256 C  CA  . TYR A 1 39 ? 6.991   0.135   10.075  1.00 35.65 ? 39  TYR A CA  1 
ATOM   257 C  C   . TYR A 1 39 ? 7.528   -0.166  8.673   1.00 35.69 ? 39  TYR A C   1 
ATOM   258 O  O   . TYR A 1 39 ? 8.129   -1.219  8.473   1.00 35.28 ? 39  TYR A O   1 
ATOM   259 C  CB  . TYR A 1 39 ? 5.763   -0.755  10.326  1.00 34.46 ? 39  TYR A CB  1 
ATOM   260 C  CG  . TYR A 1 39 ? 5.078   -0.526  11.652  1.00 34.41 ? 39  TYR A CG  1 
ATOM   261 C  CD1 . TYR A 1 39 ? 3.889   0.210   11.723  1.00 34.88 ? 39  TYR A CD1 1 
ATOM   262 C  CD2 . TYR A 1 39 ? 5.625   -1.009  12.840  1.00 34.47 ? 39  TYR A CD2 1 
ATOM   263 C  CE1 . TYR A 1 39 ? 3.262   0.464   12.945  1.00 35.32 ? 39  TYR A CE1 1 
ATOM   264 C  CE2 . TYR A 1 39 ? 5.004   -0.759  14.078  1.00 34.59 ? 39  TYR A CE2 1 
ATOM   265 C  CZ  . TYR A 1 39 ? 3.826   -0.018  14.124  1.00 35.29 ? 39  TYR A CZ  1 
ATOM   266 O  OH  . TYR A 1 39 ? 3.234   0.281   15.344  1.00 35.83 ? 39  TYR A OH  1 
ATOM   267 N  N   . LEU A 1 40 ? 7.337   0.720   7.699   1.00 36.42 ? 40  LEU A N   1 
ATOM   268 C  CA  . LEU A 1 40 ? 7.854   0.416   6.353   1.00 37.31 ? 40  LEU A CA  1 
ATOM   269 C  C   . LEU A 1 40 ? 9.319   0.786   6.092   1.00 37.24 ? 40  LEU A C   1 
ATOM   270 O  O   . LEU A 1 40 ? 9.666   1.969   5.985   1.00 36.75 ? 40  LEU A O   1 
ATOM   271 C  CB  . LEU A 1 40 ? 6.996   1.072   5.263   1.00 37.35 ? 40  LEU A CB  1 
ATOM   272 C  CG  . LEU A 1 40 ? 6.004   0.171   4.530   1.00 36.39 ? 40  LEU A CG  1 
ATOM   273 C  CD1 . LEU A 1 40 ? 5.559   0.877   3.255   1.00 36.59 ? 40  LEU A CD1 1 
ATOM   274 C  CD2 . LEU A 1 40 ? 6.653   -1.149  4.173   1.00 36.45 ? 40  LEU A CD2 1 
ATOM   275 N  N   . LYS A 1 41 ? 10.165  -0.237  5.969   1.00 37.83 ? 41  LYS A N   1 
ATOM   276 C  CA  . LYS A 1 41 ? 11.591  -0.044  5.696   1.00 38.72 ? 41  LYS A CA  1 
ATOM   277 C  C   . LYS A 1 41 ? 11.806  0.854   4.477   1.00 37.87 ? 41  LYS A C   1 
ATOM   278 O  O   . LYS A 1 41 ? 11.135  0.704   3.453   1.00 38.63 ? 41  LYS A O   1 
ATOM   279 C  CB  . LYS A 1 41 ? 12.265  -1.391  5.407   1.00 40.74 ? 41  LYS A CB  1 
ATOM   280 C  CG  . LYS A 1 41 ? 12.167  -2.417  6.527   1.00 44.20 ? 41  LYS A CG  1 
ATOM   281 C  CD  . LYS A 1 41 ? 12.990  -2.004  7.753   1.00 45.17 ? 41  LYS A CD  1 
ATOM   282 C  CE  . LYS A 1 41 ? 12.801  -3.018  8.889   1.00 46.19 ? 41  LYS A CE  1 
ATOM   283 N  NZ  . LYS A 1 41 ? 13.501  -2.613  10.152  1.00 47.55 ? 41  LYS A NZ  1 
ATOM   284 N  N   . GLY A 1 42 ? 12.753  1.779   4.582   1.00 36.41 ? 42  GLY A N   1 
ATOM   285 C  CA  . GLY A 1 42 ? 13.049  2.654   3.462   1.00 34.62 ? 42  GLY A CA  1 
ATOM   286 C  C   . GLY A 1 42 ? 11.970  3.668   3.122   1.00 34.21 ? 42  GLY A C   1 
ATOM   287 O  O   . GLY A 1 42 ? 12.169  4.530   2.262   1.00 33.42 ? 42  GLY A O   1 
ATOM   288 N  N   . PHE A 1 43 ? 10.831  3.591   3.803   1.00 34.23 ? 43  PHE A N   1 
ATOM   289 C  CA  . PHE A 1 43 ? 9.746   4.520   3.526   1.00 34.69 ? 43  PHE A CA  1 
ATOM   290 C  C   . PHE A 1 43 ? 10.282  5.952   3.548   1.00 35.65 ? 43  PHE A C   1 
ATOM   291 O  O   . PHE A 1 43 ? 9.977   6.762   2.660   1.00 34.22 ? 43  PHE A O   1 
ATOM   292 C  CB  . PHE A 1 43 ? 8.627   4.371   4.564   1.00 33.35 ? 43  PHE A CB  1 
ATOM   293 C  CG  . PHE A 1 43 ? 7.456   5.291   4.320   1.00 33.70 ? 43  PHE A CG  1 
ATOM   294 C  CD1 . PHE A 1 43 ? 6.495   4.988   3.349   1.00 33.19 ? 43  PHE A CD1 1 
ATOM   295 C  CD2 . PHE A 1 43 ? 7.338   6.489   5.023   1.00 32.63 ? 43  PHE A CD2 1 
ATOM   296 C  CE1 . PHE A 1 43 ? 5.440   5.867   3.082   1.00 31.92 ? 43  PHE A CE1 1 
ATOM   297 C  CE2 . PHE A 1 43 ? 6.290   7.374   4.765   1.00 31.44 ? 43  PHE A CE2 1 
ATOM   298 C  CZ  . PHE A 1 43 ? 5.339   7.064   3.793   1.00 31.28 ? 43  PHE A CZ  1 
ATOM   299 N  N   . ASP A 1 44 ? 11.084  6.252   4.569   1.00 37.71 ? 44  ASP A N   1 
ATOM   300 C  CA  . ASP A 1 44 ? 11.664  7.586   4.750   1.00 38.99 ? 44  ASP A CA  1 
ATOM   301 C  C   . ASP A 1 44 ? 12.822  7.859   3.798   1.00 38.70 ? 44  ASP A C   1 
ATOM   302 O  O   . ASP A 1 44 ? 13.597  8.798   3.993   1.00 38.85 ? 44  ASP A O   1 
ATOM   303 C  CB  . ASP A 1 44 ? 12.135  7.763   6.195   1.00 40.79 ? 44  ASP A CB  1 
ATOM   304 C  CG  . ASP A 1 44 ? 13.475  7.080   6.461   1.00 43.67 ? 44  ASP A CG  1 
ATOM   305 O  OD1 . ASP A 1 44 ? 13.933  6.265   5.610   1.00 44.09 ? 44  ASP A OD1 1 
ATOM   306 O  OD2 . ASP A 1 44 ? 14.050  7.362   7.535   1.00 43.25 ? 44  ASP A OD2 1 
ATOM   307 N  N   . ASP A 1 45 ? 12.916  7.026   2.765   1.00 38.75 ? 45  ASP A N   1 
ATOM   308 C  CA  . ASP A 1 45 ? 13.934  7.122   1.718   1.00 38.11 ? 45  ASP A CA  1 
ATOM   309 C  C   . ASP A 1 45 ? 13.257  7.317   0.376   1.00 36.85 ? 45  ASP A C   1 
ATOM   310 O  O   . ASP A 1 45 ? 13.664  8.167   -0.418  1.00 36.72 ? 45  ASP A O   1 
ATOM   311 C  CB  . ASP A 1 45 ? 14.769  5.851   1.672   1.00 39.77 ? 45  ASP A CB  1 
ATOM   312 C  CG  . ASP A 1 45 ? 15.675  5.745   2.844   1.00 41.67 ? 45  ASP A CG  1 
ATOM   313 O  OD1 . ASP A 1 45 ? 16.515  6.661   2.985   1.00 41.69 ? 45  ASP A OD1 1 
ATOM   314 O  OD2 . ASP A 1 45 ? 15.546  4.768   3.612   1.00 44.03 ? 45  ASP A OD2 1 
ATOM   315 N  N   . ASP A 1 46 ? 12.225  6.513   0.128   1.00 34.97 ? 46  ASP A N   1 
ATOM   316 C  CA  . ASP A 1 46 ? 11.459  6.586   -1.110  1.00 32.77 ? 46  ASP A CA  1 
ATOM   317 C  C   . ASP A 1 46 ? 10.121  5.917   -0.788  1.00 31.10 ? 46  ASP A C   1 
ATOM   318 O  O   . ASP A 1 46 ? 9.986   4.694   -0.891  1.00 29.47 ? 46  ASP A O   1 
ATOM   319 C  CB  . ASP A 1 46 ? 12.202  5.849   -2.239  1.00 32.40 ? 46  ASP A CB  1 
ATOM   320 C  CG  . ASP A 1 46 ? 11.541  6.034   -3.601  1.00 32.38 ? 46  ASP A CG  1 
ATOM   321 O  OD1 . ASP A 1 46 ? 10.309  6.268   -3.650  1.00 32.09 ? 46  ASP A OD1 1 
ATOM   322 O  OD2 . ASP A 1 46 ? 12.245  5.916   -4.623  1.00 33.18 ? 46  ASP A OD2 1 
ATOM   323 N  N   . ALA A 1 47 ? 9.145   6.741   -0.389  1.00 29.06 ? 47  ALA A N   1 
ATOM   324 C  CA  . ALA A 1 47 ? 7.812   6.278   0.010   1.00 26.52 ? 47  ALA A CA  1 
ATOM   325 C  C   . ALA A 1 47 ? 7.156   5.279   -0.942  1.00 25.02 ? 47  ALA A C   1 
ATOM   326 O  O   . ALA A 1 47 ? 6.771   4.177   -0.525  1.00 23.52 ? 47  ALA A O   1 
ATOM   327 C  CB  . ALA A 1 47 ? 6.884   7.480   0.234   1.00 25.99 ? 47  ALA A CB  1 
ATOM   328 N  N   . VAL A 1 48 ? 7.023   5.664   -2.210  1.00 22.77 ? 48  VAL A N   1 
ATOM   329 C  CA  . VAL A 1 48 ? 6.411   4.791   -3.204  1.00 22.33 ? 48  VAL A CA  1 
ATOM   330 C  C   . VAL A 1 48 ? 7.180   3.478   -3.372  1.00 21.90 ? 48  VAL A C   1 
ATOM   331 O  O   . VAL A 1 48 ? 6.577   2.406   -3.433  1.00 21.79 ? 48  VAL A O   1 
ATOM   332 C  CB  . VAL A 1 48 ? 6.315   5.483   -4.594  1.00 22.08 ? 48  VAL A CB  1 
ATOM   333 C  CG1 . VAL A 1 48 ? 5.884   4.472   -5.653  1.00 20.12 ? 48  VAL A CG1 1 
ATOM   334 C  CG2 . VAL A 1 48 ? 5.325   6.627   -4.536  1.00 21.90 ? 48  VAL A CG2 1 
ATOM   335 N  N   . ALA A 1 49 ? 8.507   3.563   -3.460  1.00 20.28 ? 49  ALA A N   1 
ATOM   336 C  CA  . ALA A 1 49 ? 9.327   2.371   -3.627  1.00 18.87 ? 49  ALA A CA  1 
ATOM   337 C  C   . ALA A 1 49 ? 9.147   1.410   -2.453  1.00 18.77 ? 49  ALA A C   1 
ATOM   338 O  O   . ALA A 1 49 ? 9.085   0.196   -2.631  1.00 18.55 ? 49  ALA A O   1 
ATOM   339 C  CB  . ALA A 1 49 ? 10.794  2.758   -3.761  1.00 16.80 ? 49  ALA A CB  1 
ATOM   340 N  N   . ALA A 1 50 ? 9.061   1.961   -1.250  1.00 18.10 ? 50  ALA A N   1 
ATOM   341 C  CA  . ALA A 1 50 ? 8.902   1.140   -0.057  1.00 18.19 ? 50  ALA A CA  1 
ATOM   342 C  C   . ALA A 1 50 ? 7.565   0.415   -0.061  1.00 17.29 ? 50  ALA A C   1 
ATOM   343 O  O   . ALA A 1 50 ? 7.494   -0.765  0.277   1.00 17.14 ? 50  ALA A O   1 
ATOM   344 C  CB  . ALA A 1 50 ? 9.039   2.005   1.205   1.00 18.10 ? 50  ALA A CB  1 
ATOM   345 N  N   . VAL A 1 51 ? 6.510   1.130   -0.440  1.00 16.00 ? 51  VAL A N   1 
ATOM   346 C  CA  . VAL A 1 51 ? 5.172   0.561   -0.497  1.00 15.18 ? 51  VAL A CA  1 
ATOM   347 C  C   . VAL A 1 51 ? 5.088   -0.469  -1.614  1.00 14.94 ? 51  VAL A C   1 
ATOM   348 O  O   . VAL A 1 51 ? 4.523   -1.551  -1.439  1.00 14.98 ? 51  VAL A O   1 
ATOM   349 C  CB  . VAL A 1 51 ? 4.119   1.659   -0.726  1.00 14.54 ? 51  VAL A CB  1 
ATOM   350 C  CG1 . VAL A 1 51 ? 2.770   1.040   -1.037  1.00 15.24 ? 51  VAL A CG1 1 
ATOM   351 C  CG2 . VAL A 1 51 ? 4.007   2.511   0.517   1.00 15.34 ? 51  VAL A CG2 1 
ATOM   352 N  N   . ALA A 1 52 ? 5.668   -0.121  -2.758  1.00 15.27 ? 52  ALA A N   1 
ATOM   353 C  CA  . ALA A 1 52 ? 5.687   -0.997  -3.916  1.00 15.60 ? 52  ALA A CA  1 
ATOM   354 C  C   . ALA A 1 52 ? 6.374   -2.305  -3.552  1.00 16.31 ? 52  ALA A C   1 
ATOM   355 O  O   . ALA A 1 52 ? 6.049   -3.360  -4.084  1.00 17.55 ? 52  ALA A O   1 
ATOM   356 C  CB  . ALA A 1 52 ? 6.415   -0.322  -5.060  1.00 14.03 ? 52  ALA A CB  1 
ATOM   357 N  N   . TYR A 1 53 ? 7.318   -2.231  -2.624  1.00 17.50 ? 53  TYR A N   1 
ATOM   358 C  CA  . TYR A 1 53 ? 8.053   -3.403  -2.187  1.00 18.33 ? 53  TYR A CA  1 
ATOM   359 C  C   . TYR A 1 53 ? 7.202   -4.366  -1.359  1.00 19.44 ? 53  TYR A C   1 
ATOM   360 O  O   . TYR A 1 53 ? 7.173   -5.573  -1.622  1.00 19.96 ? 53  TYR A O   1 
ATOM   361 C  CB  . TYR A 1 53 ? 9.261   -2.982  -1.364  1.00 18.28 ? 53  TYR A CB  1 
ATOM   362 C  CG  . TYR A 1 53 ? 10.203  -4.124  -1.099  1.00 18.82 ? 53  TYR A CG  1 
ATOM   363 C  CD1 . TYR A 1 53 ? 11.099  -4.541  -2.078  1.00 19.60 ? 53  TYR A CD1 1 
ATOM   364 C  CD2 . TYR A 1 53 ? 10.192  -4.800  0.127   1.00 18.34 ? 53  TYR A CD2 1 
ATOM   365 C  CE1 . TYR A 1 53 ? 11.971  -5.602  -1.849  1.00 21.81 ? 53  TYR A CE1 1 
ATOM   366 C  CE2 . TYR A 1 53 ? 11.050  -5.859  0.369   1.00 19.95 ? 53  TYR A CE2 1 
ATOM   367 C  CZ  . TYR A 1 53 ? 11.940  -6.253  -0.622  1.00 22.20 ? 53  TYR A CZ  1 
ATOM   368 O  OH  . TYR A 1 53 ? 12.814  -7.288  -0.390  1.00 24.44 ? 53  TYR A OH  1 
ATOM   369 N  N   . GLN A 1 54 ? 6.528   -3.838  -0.344  1.00 19.47 ? 54  GLN A N   1 
ATOM   370 C  CA  . GLN A 1 54 ? 5.687   -4.659  0.509   1.00 21.25 ? 54  GLN A CA  1 
ATOM   371 C  C   . GLN A 1 54 ? 4.555   -5.247  -0.318  1.00 20.31 ? 54  GLN A C   1 
ATOM   372 O  O   . GLN A 1 54 ? 4.071   -6.335  -0.023  1.00 18.28 ? 54  GLN A O   1 
ATOM   373 C  CB  . GLN A 1 54 ? 5.112   -3.820  1.657   1.00 24.52 ? 54  GLN A CB  1 
ATOM   374 C  CG  . GLN A 1 54 ? 3.895   -4.444  2.355   1.00 30.11 ? 54  GLN A CG  1 
ATOM   375 C  CD  . GLN A 1 54 ? 4.225   -5.070  3.707   1.00 34.49 ? 54  GLN A CD  1 
ATOM   376 O  OE1 . GLN A 1 54 ? 3.355   -5.683  4.350   1.00 37.41 ? 54  GLN A OE1 1 
ATOM   377 N  NE2 . GLN A 1 54 ? 5.480   -4.914  4.156   1.00 36.00 ? 54  GLN A NE2 1 
ATOM   378 N  N   . VAL A 1 55 ? 4.128   -4.523  -1.348  1.00 19.85 ? 55  VAL A N   1 
ATOM   379 C  CA  . VAL A 1 55 ? 3.044   -5.000  -2.201  1.00 20.59 ? 55  VAL A CA  1 
ATOM   380 C  C   . VAL A 1 55 ? 3.501   -6.178  -3.055  1.00 22.36 ? 55  VAL A C   1 
ATOM   381 O  O   . VAL A 1 55 ? 2.809   -7.192  -3.156  1.00 21.75 ? 55  VAL A O   1 
ATOM   382 C  CB  . VAL A 1 55 ? 2.494   -3.868  -3.115  1.00 19.36 ? 55  VAL A CB  1 
ATOM   383 C  CG1 . VAL A 1 55 ? 1.670   -4.452  -4.247  1.00 16.40 ? 55  VAL A CG1 1 
ATOM   384 C  CG2 . VAL A 1 55 ? 1.623   -2.925  -2.293  1.00 17.25 ? 55  VAL A CG2 1 
ATOM   385 N  N   . THR A 1 56 ? 4.674   -6.048  -3.661  1.00 23.63 ? 56  THR A N   1 
ATOM   386 C  CA  . THR A 1 56 ? 5.200   -7.121  -4.489  1.00 25.02 ? 56  THR A CA  1 
ATOM   387 C  C   . THR A 1 56 ? 5.474   -8.397  -3.693  1.00 25.91 ? 56  THR A C   1 
ATOM   388 O  O   . THR A 1 56 ? 5.146   -9.491  -4.136  1.00 26.50 ? 56  THR A O   1 
ATOM   389 C  CB  . THR A 1 56 ? 6.511   -6.705  -5.193  1.00 24.31 ? 56  THR A CB  1 
ATOM   390 O  OG1 . THR A 1 56 ? 6.267   -5.581  -6.053  1.00 24.31 ? 56  THR A OG1 1 
ATOM   391 C  CG2 . THR A 1 56 ? 7.046   -7.867  -6.026  1.00 23.18 ? 56  THR A CG2 1 
ATOM   392 N  N   . ASN A 1 57 ? 6.061   -8.261  -2.515  1.00 27.73 ? 57  ASN A N   1 
ATOM   393 C  CA  . ASN A 1 57 ? 6.386   -9.433  -1.711  1.00 30.71 ? 57  ASN A CA  1 
ATOM   394 C  C   . ASN A 1 57 ? 5.436   -9.710  -0.554  1.00 32.82 ? 57  ASN A C   1 
ATOM   395 O  O   . ASN A 1 57 ? 5.069   -10.856 -0.311  1.00 33.83 ? 57  ASN A O   1 
ATOM   396 C  CB  . ASN A 1 57 ? 7.816   -9.301  -1.189  1.00 30.36 ? 57  ASN A CB  1 
ATOM   397 C  CG  . ASN A 1 57 ? 8.796   -8.969  -2.297  1.00 31.24 ? 57  ASN A CG  1 
ATOM   398 O  OD1 . ASN A 1 57 ? 8.838   -9.656  -3.316  1.00 31.01 ? 57  ASN A OD1 1 
ATOM   399 N  ND2 . ASN A 1 57 ? 9.578   -7.908  -2.112  1.00 31.51 ? 57  ASN A ND2 1 
ATOM   400 N  N   . GLY A 1 58 ? 5.041   -8.663  0.162   1.00 35.33 ? 58  GLY A N   1 
ATOM   401 C  CA  . GLY A 1 58 ? 4.144   -8.840  1.290   1.00 36.90 ? 58  GLY A CA  1 
ATOM   402 C  C   . GLY A 1 58 ? 4.819   -9.557  2.447   1.00 38.34 ? 58  GLY A C   1 
ATOM   403 O  O   . GLY A 1 58 ? 6.040   -9.775  2.426   1.00 39.31 ? 58  GLY A O   1 
ATOM   404 N  N   . LYS A 1 59 ? 4.030   -9.906  3.462   1.00 39.00 ? 59  LYS A N   1 
ATOM   405 C  CA  . LYS A 1 59 ? 4.531   -10.621 4.637   1.00 38.93 ? 59  LYS A CA  1 
ATOM   406 C  C   . LYS A 1 59 ? 3.395   -11.027 5.574   1.00 37.61 ? 59  LYS A C   1 
ATOM   407 O  O   . LYS A 1 59 ? 2.329   -10.415 5.573   1.00 37.36 ? 59  LYS A O   1 
ATOM   408 C  CB  . LYS A 1 59 ? 5.543   -9.764  5.403   1.00 40.46 ? 59  LYS A CB  1 
ATOM   409 C  CG  . LYS A 1 59 ? 4.971   -8.518  6.041   1.00 43.00 ? 59  LYS A CG  1 
ATOM   410 C  CD  . LYS A 1 59 ? 6.088   -7.747  6.749   1.00 45.12 ? 59  LYS A CD  1 
ATOM   411 C  CE  . LYS A 1 59 ? 6.511   -8.420  8.051   1.00 46.02 ? 59  LYS A CE  1 
ATOM   412 N  NZ  . LYS A 1 59 ? 5.490   -8.201  9.130   1.00 46.93 ? 59  LYS A NZ  1 
ATOM   413 N  N   . ASN A 1 60 ? 3.629   -12.064 6.370   1.00 36.25 ? 60  ASN A N   1 
ATOM   414 C  CA  . ASN A 1 60 ? 2.622   -12.546 7.306   1.00 35.86 ? 60  ASN A CA  1 
ATOM   415 C  C   . ASN A 1 60 ? 1.238   -12.674 6.653   1.00 34.40 ? 60  ASN A C   1 
ATOM   416 O  O   . ASN A 1 60 ? 1.075   -13.370 5.651   1.00 34.40 ? 60  ASN A O   1 
ATOM   417 C  CB  . ASN A 1 60 ? 2.544   -11.615 8.527   1.00 38.48 ? 60  ASN A CB  1 
ATOM   418 C  CG  . ASN A 1 60 ? 3.916   -11.340 9.140   1.00 40.52 ? 60  ASN A CG  1 
ATOM   419 O  OD1 . ASN A 1 60 ? 4.826   -12.168 9.035   1.00 41.45 ? 60  ASN A OD1 1 
ATOM   420 N  ND2 . ASN A 1 60 ? 4.066   -10.183 9.796   1.00 41.00 ? 60  ASN A ND2 1 
ATOM   421 N  N   . ALA A 1 61 ? 0.244   -11.999 7.220   1.00 32.77 ? 61  ALA A N   1 
ATOM   422 C  CA  . ALA A 1 61 ? -1.109  -12.079 6.695   1.00 31.03 ? 61  ALA A CA  1 
ATOM   423 C  C   . ALA A 1 61 ? -1.280  -11.242 5.438   1.00 30.12 ? 61  ALA A C   1 
ATOM   424 O  O   . ALA A 1 61 ? -2.321  -11.300 4.780   1.00 30.65 ? 61  ALA A O   1 
ATOM   425 C  CB  . ALA A 1 61 ? -2.112  -11.641 7.762   1.00 31.05 ? 61  ALA A CB  1 
ATOM   426 N  N   . MET A 1 62 ? -0.259  -10.454 5.111   1.00 28.87 ? 62  MET A N   1 
ATOM   427 C  CA  . MET A 1 62 ? -0.284  -9.611  3.915   1.00 26.09 ? 62  MET A CA  1 
ATOM   428 C  C   . MET A 1 62 ? 0.227   -10.426 2.737   1.00 24.93 ? 62  MET A C   1 
ATOM   429 O  O   . MET A 1 62 ? 1.398   -10.800 2.695   1.00 24.33 ? 62  MET A O   1 
ATOM   430 C  CB  . MET A 1 62 ? 0.613   -8.388  4.122   1.00 24.75 ? 62  MET A CB  1 
ATOM   431 C  CG  . MET A 1 62 ? 0.987   -7.640  2.854   1.00 23.48 ? 62  MET A CG  1 
ATOM   432 S  SD  . MET A 1 62 ? -0.285  -6.586  2.132   1.00 21.40 ? 62  MET A SD  1 
ATOM   433 C  CE  . MET A 1 62 ? 0.527   -6.113  0.584   1.00 20.00 ? 62  MET A CE  1 
ATOM   434 N  N   . PRO A 1 63 ? -0.652  -10.735 1.772   1.00 24.83 ? 63  PRO A N   1 
ATOM   435 C  CA  . PRO A 1 63 ? -0.227  -11.517 0.603   1.00 23.92 ? 63  PRO A CA  1 
ATOM   436 C  C   . PRO A 1 63 ? 0.584   -10.696 -0.399  1.00 22.77 ? 63  PRO A C   1 
ATOM   437 O  O   . PRO A 1 63 ? 0.464   -9.469  -0.451  1.00 21.63 ? 63  PRO A O   1 
ATOM   438 C  CB  . PRO A 1 63 ? -1.551  -12.010 0.016   1.00 23.19 ? 63  PRO A CB  1 
ATOM   439 C  CG  . PRO A 1 63 ? -2.487  -10.900 0.339   1.00 23.50 ? 63  PRO A CG  1 
ATOM   440 C  CD  . PRO A 1 63 ? -2.114  -10.536 1.771   1.00 24.80 ? 63  PRO A CD  1 
ATOM   441 N  N   . GLY A 1 64 ? 1.427   -11.384 -1.167  1.00 22.44 ? 64  GLY A N   1 
ATOM   442 C  CA  . GLY A 1 64 ? 2.236   -10.726 -2.180  1.00 21.03 ? 64  GLY A CA  1 
ATOM   443 C  C   . GLY A 1 64 ? 1.422   -10.706 -3.457  1.00 19.92 ? 64  GLY A C   1 
ATOM   444 O  O   . GLY A 1 64 ? 0.557   -11.552 -3.640  1.00 20.33 ? 64  GLY A O   1 
ATOM   445 N  N   . PHE A 1 65 ? 1.675   -9.752  -4.341  1.00 19.63 ? 65  PHE A N   1 
ATOM   446 C  CA  . PHE A 1 65 ? 0.902   -9.673  -5.578  1.00 20.13 ? 65  PHE A CA  1 
ATOM   447 C  C   . PHE A 1 65 ? 1.778   -9.814  -6.821  1.00 21.41 ? 65  PHE A C   1 
ATOM   448 O  O   . PHE A 1 65 ? 1.317   -9.640  -7.956  1.00 20.04 ? 65  PHE A O   1 
ATOM   449 C  CB  . PHE A 1 65 ? 0.100   -8.359  -5.609  1.00 17.50 ? 65  PHE A CB  1 
ATOM   450 C  CG  . PHE A 1 65 ? -1.010  -8.302  -4.581  1.00 16.02 ? 65  PHE A CG  1 
ATOM   451 C  CD1 . PHE A 1 65 ? -0.725  -8.109  -3.231  1.00 16.22 ? 65  PHE A CD1 1 
ATOM   452 C  CD2 . PHE A 1 65 ? -2.338  -8.489  -4.960  1.00 14.45 ? 65  PHE A CD2 1 
ATOM   453 C  CE1 . PHE A 1 65 ? -1.749  -8.105  -2.274  1.00 16.10 ? 65  PHE A CE1 1 
ATOM   454 C  CE2 . PHE A 1 65 ? -3.358  -8.487  -4.022  1.00 13.60 ? 65  PHE A CE2 1 
ATOM   455 C  CZ  . PHE A 1 65 ? -3.064  -8.297  -2.673  1.00 15.84 ? 65  PHE A CZ  1 
ATOM   456 N  N   . ASN A 1 66 ? 3.039   -10.161 -6.577  1.00 22.85 ? 66  ASN A N   1 
ATOM   457 C  CA  . ASN A 1 66 ? 4.044   -10.344 -7.615  1.00 25.26 ? 66  ASN A CA  1 
ATOM   458 C  C   . ASN A 1 66 ? 3.560   -11.071 -8.874  1.00 26.84 ? 66  ASN A C   1 
ATOM   459 O  O   . ASN A 1 66 ? 3.906   -10.686 -9.998  1.00 28.50 ? 66  ASN A O   1 
ATOM   460 C  CB  . ASN A 1 66 ? 5.246   -11.080 -7.025  1.00 26.68 ? 66  ASN A CB  1 
ATOM   461 C  CG  . ASN A 1 66 ? 6.387   -11.211 -8.007  1.00 28.66 ? 66  ASN A CG  1 
ATOM   462 O  OD1 . ASN A 1 66 ? 6.836   -10.224 -8.600  1.00 29.52 ? 66  ASN A OD1 1 
ATOM   463 N  ND2 . ASN A 1 66 ? 6.870   -12.435 -8.183  1.00 30.91 ? 66  ASN A ND2 1 
ATOM   464 N  N   . GLY A 1 67 ? 2.764   -12.118 -8.710  1.00 27.11 ? 67  GLY A N   1 
ATOM   465 C  CA  . GLY A 1 67 ? 2.288   -12.817 -9.892  1.00 27.78 ? 67  GLY A CA  1 
ATOM   466 C  C   . GLY A 1 67 ? 0.964   -12.309 -10.448 1.00 28.46 ? 67  GLY A C   1 
ATOM   467 O  O   . GLY A 1 67 ? 0.711   -12.405 -11.647 1.00 28.02 ? 67  GLY A O   1 
ATOM   468 N  N   . ARG A 1 68 ? 0.130   -11.751 -9.572  1.00 29.28 ? 68  ARG A N   1 
ATOM   469 C  CA  . ARG A 1 68 ? -1.192  -11.251 -9.928  1.00 30.58 ? 68  ARG A CA  1 
ATOM   470 C  C   . ARG A 1 68 ? -1.227  -9.846  -10.518 1.00 27.23 ? 68  ARG A C   1 
ATOM   471 O  O   . ARG A 1 68 ? -2.002  -9.575  -11.435 1.00 25.78 ? 68  ARG A O   1 
ATOM   472 C  CB  . ARG A 1 68 ? -2.085  -11.292 -8.688  1.00 37.81 ? 68  ARG A CB  1 
ATOM   473 C  CG  . ARG A 1 68 ? -1.994  -12.610 -7.925  1.00 48.81 ? 68  ARG A CG  1 
ATOM   474 C  CD  . ARG A 1 68 ? -2.719  -12.519 -6.589  1.00 58.53 ? 68  ARG A CD  1 
ATOM   475 N  NE  . ARG A 1 68 ? -3.963  -11.767 -6.747  1.00 69.79 ? 68  ARG A NE  1 
ATOM   476 C  CZ  . ARG A 1 68 ? -4.765  -11.417 -5.738  1.00 74.13 ? 68  ARG A CZ  1 
ATOM   477 N  NH1 . ARG A 1 68 ? -4.444  -11.762 -4.475  1.00 74.82 ? 68  ARG A NH1 1 
ATOM   478 N  NH2 . ARG A 1 68 ? -5.885  -10.706 -5.998  1.00 76.96 ? 68  ARG A NH2 1 
ATOM   479 N  N   . LEU A 1 69 ? -0.413  -8.948  -9.979  1.00 24.59 ? 69  LEU A N   1 
ATOM   480 C  CA  . LEU A 1 69 ? -0.380  -7.578  -10.484 1.00 22.03 ? 69  LEU A CA  1 
ATOM   481 C  C   . LEU A 1 69 ? 0.847   -7.322  -11.344 1.00 20.32 ? 69  LEU A C   1 
ATOM   482 O  O   . LEU A 1 69 ? 1.906   -7.935  -11.155 1.00 20.40 ? 69  LEU A O   1 
ATOM   483 C  CB  . LEU A 1 69 ? -0.416  -6.577  -9.327  1.00 21.51 ? 69  LEU A CB  1 
ATOM   484 C  CG  . LEU A 1 69 ? -1.766  -5.951  -8.935  1.00 21.86 ? 69  LEU A CG  1 
ATOM   485 C  CD1 . LEU A 1 69 ? -2.948  -6.748  -9.476  1.00 19.87 ? 69  LEU A CD1 1 
ATOM   486 C  CD2 . LEU A 1 69 ? -1.822  -5.850  -7.420  1.00 20.49 ? 69  LEU A CD2 1 
ATOM   487 N  N   . SER A 1 70 ? 0.688   -6.430  -12.316 1.00 17.89 ? 70  SER A N   1 
ATOM   488 C  CA  . SER A 1 70 ? 1.783   -6.068  -13.201 1.00 15.07 ? 70  SER A CA  1 
ATOM   489 C  C   . SER A 1 70 ? 2.652   -5.036  -12.477 1.00 15.12 ? 70  SER A C   1 
ATOM   490 O  O   . SER A 1 70 ? 2.200   -4.376  -11.540 1.00 12.31 ? 70  SER A O   1 
ATOM   491 C  CB  . SER A 1 70 ? 1.245   -5.472  -14.505 1.00 12.79 ? 70  SER A CB  1 
ATOM   492 O  OG  . SER A 1 70 ? 0.627   -4.215  -14.291 1.00 8.49  ? 70  SER A OG  1 
ATOM   493 N  N   . PRO A 1 71 ? 3.919   -4.898  -12.895 1.00 15.62 ? 71  PRO A N   1 
ATOM   494 C  CA  . PRO A 1 71 ? 4.805   -3.923  -12.246 1.00 16.36 ? 71  PRO A CA  1 
ATOM   495 C  C   . PRO A 1 71 ? 4.172   -2.529  -12.284 1.00 16.32 ? 71  PRO A C   1 
ATOM   496 O  O   . PRO A 1 71 ? 4.232   -1.766  -11.313 1.00 14.97 ? 71  PRO A O   1 
ATOM   497 C  CB  . PRO A 1 71 ? 6.082   -4.020  -13.076 1.00 15.69 ? 71  PRO A CB  1 
ATOM   498 C  CG  . PRO A 1 71 ? 6.074   -5.470  -13.498 1.00 16.00 ? 71  PRO A CG  1 
ATOM   499 C  CD  . PRO A 1 71 ? 4.643   -5.683  -13.911 1.00 14.46 ? 71  PRO A CD  1 
ATOM   500 N  N   . LEU A 1 72 ? 3.544   -2.231  -13.418 1.00 17.46 ? 72  LEU A N   1 
ATOM   501 C  CA  . LEU A 1 72 ? 2.864   -0.963  -13.638 1.00 19.17 ? 72  LEU A CA  1 
ATOM   502 C  C   . LEU A 1 72 ? 1.704   -0.757  -12.655 1.00 18.68 ? 72  LEU A C   1 
ATOM   503 O  O   . LEU A 1 72 ? 1.591   0.308   -12.045 1.00 16.70 ? 72  LEU A O   1 
ATOM   504 C  CB  . LEU A 1 72 ? 2.345   -0.901  -15.074 1.00 22.53 ? 72  LEU A CB  1 
ATOM   505 C  CG  . LEU A 1 72 ? 1.913   0.484   -15.575 1.00 27.12 ? 72  LEU A CG  1 
ATOM   506 C  CD1 . LEU A 1 72 ? 3.016   1.510   -15.270 1.00 33.50 ? 72  LEU A CD1 1 
ATOM   507 C  CD2 . LEU A 1 72 ? 1.624   0.434   -17.082 1.00 28.35 ? 72  LEU A CD2 1 
ATOM   508 N  N   . GLN A 1 73 ? 0.851   -1.774  -12.504 1.00 17.77 ? 73  GLN A N   1 
ATOM   509 C  CA  . GLN A 1 73 ? -0.291  -1.698  -11.586 1.00 17.28 ? 73  GLN A CA  1 
ATOM   510 C  C   . GLN A 1 73 ? 0.190   -1.517  -10.146 1.00 17.09 ? 73  GLN A C   1 
ATOM   511 O  O   . GLN A 1 73 ? -0.486  -0.876  -9.341  1.00 16.15 ? 73  GLN A O   1 
ATOM   512 C  CB  . GLN A 1 73 ? -1.157  -2.969  -11.663 1.00 17.03 ? 73  GLN A CB  1 
ATOM   513 C  CG  . GLN A 1 73 ? -1.852  -3.196  -13.001 1.00 17.49 ? 73  GLN A CG  1 
ATOM   514 C  CD  . GLN A 1 73 ? -2.619  -4.512  -13.060 1.00 17.81 ? 73  GLN A CD  1 
ATOM   515 O  OE1 . GLN A 1 73 ? -3.848  -4.522  -13.137 1.00 19.98 ? 73  GLN A OE1 1 
ATOM   516 N  NE2 . GLN A 1 73 ? -1.898  -5.628  -13.018 1.00 15.79 ? 73  GLN A NE2 1 
ATOM   517 N  N   . ILE A 1 74 ? 1.362   -2.079  -9.842  1.00 17.58 ? 74  ILE A N   1 
ATOM   518 C  CA  . ILE A 1 74 ? 1.961   -2.014  -8.512  1.00 18.55 ? 74  ILE A CA  1 
ATOM   519 C  C   . ILE A 1 74 ? 2.471   -0.620  -8.218  1.00 19.18 ? 74  ILE A C   1 
ATOM   520 O  O   . ILE A 1 74 ? 2.206   -0.070  -7.167  1.00 17.99 ? 74  ILE A O   1 
ATOM   521 C  CB  . ILE A 1 74 ? 3.123   -3.054  -8.350  1.00 19.39 ? 74  ILE A CB  1 
ATOM   522 C  CG1 . ILE A 1 74 ? 2.545   -4.468  -8.443  1.00 19.28 ? 74  ILE A CG1 1 
ATOM   523 C  CG2 . ILE A 1 74 ? 3.838   -2.846  -7.012  1.00 17.32 ? 74  ILE A CG2 1 
ATOM   524 C  CD1 . ILE A 1 74 ? 3.604   -5.542  -8.330  1.00 20.95 ? 74  ILE A CD1 1 
ATOM   525 N  N   . GLU A 1 75 ? 3.223   -0.045  -9.143  1.00 20.33 ? 75  GLU A N   1 
ATOM   526 C  CA  . GLU A 1 75 ? 3.732   1.308   -8.922  1.00 21.45 ? 75  GLU A CA  1 
ATOM   527 C  C   . GLU A 1 75 ? 2.559   2.284   -8.795  1.00 20.68 ? 75  GLU A C   1 
ATOM   528 O  O   . GLU A 1 75 ? 2.659   3.302   -8.099  1.00 20.97 ? 75  GLU A O   1 
ATOM   529 C  CB  . GLU A 1 75 ? 4.613   1.761   -10.079 1.00 24.05 ? 75  GLU A CB  1 
ATOM   530 C  CG  . GLU A 1 75 ? 6.114   1.608   -9.855  1.00 31.26 ? 75  GLU A CG  1 
ATOM   531 C  CD  . GLU A 1 75 ? 6.666   2.502   -8.725  1.00 36.65 ? 75  GLU A CD  1 
ATOM   532 O  OE1 . GLU A 1 75 ? 6.348   2.245   -7.537  1.00 40.28 ? 75  GLU A OE1 1 
ATOM   533 O  OE2 . GLU A 1 75 ? 7.415   3.472   -9.014  1.00 38.99 ? 75  GLU A OE2 1 
ATOM   534 N  N   . ASP A 1 76 ? 1.452   1.966   -9.466  1.00 19.40 ? 76  ASP A N   1 
ATOM   535 C  CA  . ASP A 1 76 ? 0.252   2.801   -9.459  1.00 18.11 ? 76  ASP A CA  1 
ATOM   536 C  C   . ASP A 1 76 ? -0.504  2.751   -8.142  1.00 17.34 ? 76  ASP A C   1 
ATOM   537 O  O   . ASP A 1 76 ? -0.984  3.777   -7.667  1.00 17.32 ? 76  ASP A O   1 
ATOM   538 C  CB  . ASP A 1 76 ? -0.701  2.364   -10.567 1.00 19.74 ? 76  ASP A CB  1 
ATOM   539 C  CG  . ASP A 1 76 ? -0.364  2.961   -11.927 1.00 20.75 ? 76  ASP A CG  1 
ATOM   540 O  OD1 . ASP A 1 76 ? -0.974  2.481   -12.906 1.00 20.51 ? 76  ASP A OD1 1 
ATOM   541 O  OD2 . ASP A 1 76 ? 0.469   3.893   -12.032 1.00 22.77 ? 76  ASP A OD2 1 
ATOM   542 N  N   . VAL A 1 77 ? -0.629  1.563   -7.560  1.00 15.94 ? 77  VAL A N   1 
ATOM   543 C  CA  . VAL A 1 77 ? -1.346  1.434   -6.297  1.00 15.34 ? 77  VAL A CA  1 
ATOM   544 C  C   . VAL A 1 77 ? -0.477  2.019   -5.176  1.00 15.13 ? 77  VAL A C   1 
ATOM   545 O  O   . VAL A 1 77 ? -0.979  2.557   -4.184  1.00 14.63 ? 77  VAL A O   1 
ATOM   546 C  CB  . VAL A 1 77 ? -1.738  -0.066  -6.020  1.00 14.88 ? 77  VAL A CB  1 
ATOM   547 C  CG1 . VAL A 1 77 ? -0.518  -0.891  -5.626  1.00 13.20 ? 77  VAL A CG1 1 
ATOM   548 C  CG2 . VAL A 1 77 ? -2.819  -0.136  -4.960  1.00 13.61 ? 77  VAL A CG2 1 
ATOM   549 N  N   . ALA A 1 78 ? 0.836   1.930   -5.366  1.00 14.75 ? 78  ALA A N   1 
ATOM   550 C  CA  . ALA A 1 78 ? 1.800   2.462   -4.405  1.00 15.19 ? 78  ALA A CA  1 
ATOM   551 C  C   . ALA A 1 78 ? 1.702   3.993   -4.332  1.00 14.87 ? 78  ALA A C   1 
ATOM   552 O  O   . ALA A 1 78 ? 1.649   4.575   -3.248  1.00 13.98 ? 78  ALA A O   1 
ATOM   553 C  CB  . ALA A 1 78 ? 3.216   2.056   -4.811  1.00 14.74 ? 78  ALA A CB  1 
ATOM   554 N  N   . ALA A 1 79 ? 1.692   4.638   -5.493  1.00 14.74 ? 79  ALA A N   1 
ATOM   555 C  CA  . ALA A 1 79 ? 1.598   6.087   -5.551  1.00 15.43 ? 79  ALA A CA  1 
ATOM   556 C  C   . ALA A 1 79 ? 0.270   6.527   -4.945  1.00 15.92 ? 79  ALA A C   1 
ATOM   557 O  O   . ALA A 1 79 ? 0.192   7.549   -4.261  1.00 15.85 ? 79  ALA A O   1 
ATOM   558 C  CB  . ALA A 1 79 ? 1.705   6.555   -6.993  1.00 13.84 ? 79  ALA A CB  1 
ATOM   559 N  N   . TYR A 1 80 ? -0.774  5.745   -5.201  1.00 16.70 ? 80  TYR A N   1 
ATOM   560 C  CA  . TYR A 1 80 ? -2.100  6.049   -4.685  1.00 16.18 ? 80  TYR A CA  1 
ATOM   561 C  C   . TYR A 1 80 ? -2.110  5.987   -3.154  1.00 15.77 ? 80  TYR A C   1 
ATOM   562 O  O   . TYR A 1 80 ? -2.660  6.861   -2.485  1.00 13.78 ? 80  TYR A O   1 
ATOM   563 C  CB  . TYR A 1 80 ? -3.125  5.059   -5.253  1.00 16.81 ? 80  TYR A CB  1 
ATOM   564 C  CG  . TYR A 1 80 ? -4.472  5.166   -4.578  1.00 17.83 ? 80  TYR A CG  1 
ATOM   565 C  CD1 . TYR A 1 80 ? -5.261  6.310   -4.735  1.00 18.18 ? 80  TYR A CD1 1 
ATOM   566 C  CD2 . TYR A 1 80 ? -4.915  4.174   -3.708  1.00 16.46 ? 80  TYR A CD2 1 
ATOM   567 C  CE1 . TYR A 1 80 ? -6.451  6.466   -4.034  1.00 17.53 ? 80  TYR A CE1 1 
ATOM   568 C  CE2 . TYR A 1 80 ? -6.100  4.321   -3.007  1.00 18.38 ? 80  TYR A CE2 1 
ATOM   569 C  CZ  . TYR A 1 80 ? -6.863  5.471   -3.171  1.00 18.58 ? 80  TYR A CZ  1 
ATOM   570 O  OH  . TYR A 1 80 ? -8.027  5.627   -2.455  1.00 19.51 ? 80  TYR A OH  1 
ATOM   571 N  N   . VAL A 1 81 ? -1.499  4.937   -2.616  1.00 15.97 ? 81  VAL A N   1 
ATOM   572 C  CA  . VAL A 1 81 ? -1.418  4.732   -1.182  1.00 16.56 ? 81  VAL A CA  1 
ATOM   573 C  C   . VAL A 1 81 ? -0.618  5.840   -0.511  1.00 17.69 ? 81  VAL A C   1 
ATOM   574 O  O   . VAL A 1 81 ? -1.036  6.383   0.521   1.00 16.90 ? 81  VAL A O   1 
ATOM   575 C  CB  . VAL A 1 81 ? -0.767  3.367   -0.856  1.00 16.62 ? 81  VAL A CB  1 
ATOM   576 C  CG1 . VAL A 1 81 ? -0.164  3.383   0.546   1.00 14.00 ? 81  VAL A CG1 1 
ATOM   577 C  CG2 . VAL A 1 81 ? -1.804  2.276   -0.958  1.00 14.81 ? 81  VAL A CG2 1 
ATOM   578 N  N   . VAL A 1 82 ? 0.539   6.160   -1.090  1.00 18.03 ? 82  VAL A N   1 
ATOM   579 C  CA  . VAL A 1 82 ? 1.382   7.213   -0.546  1.00 18.58 ? 82  VAL A CA  1 
ATOM   580 C  C   . VAL A 1 82 ? 0.592   8.510   -0.610  1.00 19.73 ? 82  VAL A C   1 
ATOM   581 O  O   . VAL A 1 82 ? 0.603   9.298   0.333   1.00 20.45 ? 82  VAL A O   1 
ATOM   582 C  CB  . VAL A 1 82 ? 2.706   7.359   -1.339  1.00 17.90 ? 82  VAL A CB  1 
ATOM   583 C  CG1 . VAL A 1 82 ? 3.507   8.553   -0.822  1.00 16.13 ? 82  VAL A CG1 1 
ATOM   584 C  CG2 . VAL A 1 82 ? 3.531   6.087   -1.205  1.00 16.62 ? 82  VAL A CG2 1 
ATOM   585 N  N   . ASP A 1 83 ? -0.119  8.717   -1.713  1.00 20.52 ? 83  ASP A N   1 
ATOM   586 C  CA  . ASP A 1 83 ? -0.923  9.921   -1.876  1.00 21.90 ? 83  ASP A CA  1 
ATOM   587 C  C   . ASP A 1 83 ? -1.989  10.051  -0.793  1.00 21.80 ? 83  ASP A C   1 
ATOM   588 O  O   . ASP A 1 83 ? -2.187  11.123  -0.220  1.00 20.57 ? 83  ASP A O   1 
ATOM   589 C  CB  . ASP A 1 83 ? -1.614  9.927   -3.232  1.00 24.27 ? 83  ASP A CB  1 
ATOM   590 C  CG  . ASP A 1 83 ? -2.320  11.239  -3.510  1.00 27.14 ? 83  ASP A CG  1 
ATOM   591 O  OD1 . ASP A 1 83 ? -3.374  11.225  -4.182  1.00 30.00 ? 83  ASP A OD1 1 
ATOM   592 O  OD2 . ASP A 1 83 ? -1.815  12.292  -3.061  1.00 27.61 ? 83  ASP A OD2 1 
ATOM   593 N  N   . GLN A 1 84 ? -2.681  8.947   -0.531  1.00 23.18 ? 84  GLN A N   1 
ATOM   594 C  CA  . GLN A 1 84 ? -3.739  8.904   0.472   1.00 22.71 ? 84  GLN A CA  1 
ATOM   595 C  C   . GLN A 1 84 ? -3.207  9.042   1.890   1.00 22.62 ? 84  GLN A C   1 
ATOM   596 O  O   . GLN A 1 84 ? -3.839  9.678   2.734   1.00 21.32 ? 84  GLN A O   1 
ATOM   597 C  CB  . GLN A 1 84 ? -4.541  7.608   0.327   1.00 22.29 ? 84  GLN A CB  1 
ATOM   598 C  CG  . GLN A 1 84 ? -5.445  7.594   -0.906  1.00 21.83 ? 84  GLN A CG  1 
ATOM   599 C  CD  . GLN A 1 84 ? -6.371  8.809   -0.963  1.00 22.88 ? 84  GLN A CD  1 
ATOM   600 O  OE1 . GLN A 1 84 ? -6.227  9.679   -1.825  1.00 23.03 ? 84  GLN A OE1 1 
ATOM   601 N  NE2 . GLN A 1 84 ? -7.319  8.875   -0.032  1.00 22.90 ? 84  GLN A NE2 1 
ATOM   602 N  N   . ALA A 1 85 ? -2.043  8.453   2.148   1.00 23.64 ? 85  ALA A N   1 
ATOM   603 C  CA  . ALA A 1 85 ? -1.436  8.542   3.469   1.00 25.73 ? 85  ALA A CA  1 
ATOM   604 C  C   . ALA A 1 85 ? -1.096  10.008  3.742   1.00 27.76 ? 85  ALA A C   1 
ATOM   605 O  O   . ALA A 1 85 ? -1.472  10.562  4.779   1.00 29.48 ? 85  ALA A O   1 
ATOM   606 C  CB  . ALA A 1 85 ? -0.175  7.680   3.537   1.00 24.54 ? 85  ALA A CB  1 
ATOM   607 N  N   . GLU A 1 86 ? -0.401  10.642  2.801   1.00 29.25 ? 86  GLU A N   1 
ATOM   608 C  CA  . GLU A 1 86 ? -0.025  12.039  2.961   1.00 30.88 ? 86  GLU A CA  1 
ATOM   609 C  C   . GLU A 1 86 ? -1.233  12.977  3.095   1.00 32.36 ? 86  GLU A C   1 
ATOM   610 O  O   . GLU A 1 86 ? -1.125  14.038  3.710   1.00 33.08 ? 86  GLU A O   1 
ATOM   611 C  CB  . GLU A 1 86 ? 0.860   12.488  1.797   1.00 31.11 ? 86  GLU A CB  1 
ATOM   612 C  CG  . GLU A 1 86 ? 2.245   11.828  1.753   1.00 32.85 ? 86  GLU A CG  1 
ATOM   613 C  CD  . GLU A 1 86 ? 3.102   12.121  2.990   1.00 33.52 ? 86  GLU A CD  1 
ATOM   614 O  OE1 . GLU A 1 86 ? 3.249   13.307  3.359   1.00 35.41 ? 86  GLU A OE1 1 
ATOM   615 O  OE2 . GLU A 1 86 ? 3.637   11.165  3.590   1.00 34.27 ? 86  GLU A OE2 1 
ATOM   616 N  N   . LYS A 1 87 ? -2.378  12.594  2.533   1.00 33.88 ? 87  LYS A N   1 
ATOM   617 C  CA  . LYS A 1 87 ? -3.580  13.419  2.628   1.00 35.50 ? 87  LYS A CA  1 
ATOM   618 C  C   . LYS A 1 87 ? -4.461  13.061  3.826   1.00 35.55 ? 87  LYS A C   1 
ATOM   619 O  O   . LYS A 1 87 ? -5.403  13.786  4.148   1.00 36.15 ? 87  LYS A O   1 
ATOM   620 C  CB  . LYS A 1 87 ? -4.404  13.335  1.338   1.00 38.81 ? 87  LYS A CB  1 
ATOM   621 C  CG  . LYS A 1 87 ? -4.294  14.611  0.510   1.00 44.65 ? 87  LYS A CG  1 
ATOM   622 C  CD  . LYS A 1 87 ? -5.266  14.686  -0.665  1.00 50.57 ? 87  LYS A CD  1 
ATOM   623 C  CE  . LYS A 1 87 ? -4.646  14.148  -1.947  1.00 57.49 ? 87  LYS A CE  1 
ATOM   624 N  NZ  . LYS A 1 87 ? -4.376  12.654  -1.824  1.00 63.43 ? 87  LYS A NZ  1 
ATOM   625 N  N   . GLY A 1 88 ? -4.165  11.944  4.485   1.00 34.88 ? 88  GLY A N   1 
ATOM   626 C  CA  . GLY A 1 88 ? -4.946  11.555  5.648   1.00 33.57 ? 88  GLY A CA  1 
ATOM   627 C  C   . GLY A 1 88 ? -6.122  10.611  5.435   1.00 33.22 ? 88  GLY A C   1 
ATOM   628 O  O   . GLY A 1 88 ? -6.858  10.326  6.388   1.00 32.78 ? 88  GLY A O   1 
ATOM   629 N  N   . TRP A 1 89 ? -6.312  10.123  4.209   1.00 32.41 ? 89  TRP A N   1 
ATOM   630 C  CA  . TRP A 1 89 ? -7.409  9.193   3.907   1.00 31.66 ? 89  TRP A CA  1 
ATOM   631 C  C   . TRP A 1 89 ? -8.798  9.792   4.146   1.00 32.66 ? 89  TRP A C   1 
ATOM   632 O  O   . TRP A 1 89 ? -9.197  9.878   5.326   1.00 33.68 ? 89  TRP A O   1 
ATOM   633 C  CB  . TRP A 1 89 ? -7.275  7.899   4.732   1.00 28.12 ? 89  TRP A CB  1 
ATOM   634 C  CG  . TRP A 1 89 ? -6.142  7.022   4.306   1.00 25.49 ? 89  TRP A CG  1 
ATOM   635 C  CD1 . TRP A 1 89 ? -4.916  6.913   4.899   1.00 24.41 ? 89  TRP A CD1 1 
ATOM   636 C  CD2 . TRP A 1 89 ? -6.117  6.153   3.166   1.00 24.62 ? 89  TRP A CD2 1 
ATOM   637 N  NE1 . TRP A 1 89 ? -4.125  6.029   4.202   1.00 21.80 ? 89  TRP A NE1 1 
ATOM   638 C  CE2 . TRP A 1 89 ? -4.835  5.547   3.134   1.00 23.29 ? 89  TRP A CE2 1 
ATOM   639 C  CE3 . TRP A 1 89 ? -7.049  5.824   2.170   1.00 23.17 ? 89  TRP A CE3 1 
ATOM   640 C  CZ2 . TRP A 1 89 ? -4.462  4.630   2.138   1.00 22.88 ? 89  TRP A CZ2 1 
ATOM   641 C  CZ3 . TRP A 1 89 ? -6.678  4.908   1.180   1.00 23.02 ? 89  TRP A CZ3 1 
ATOM   642 C  CH2 . TRP A 1 89 ? -5.393  4.323   1.175   1.00 22.08 ? 89  TRP A CH2 1 
ATOM   643 O  OXT . TRP A 1 89 ? -9.472  10.167  3.161   1.00 33.14 ? 89  TRP A OXT 1 
HETATM 644 FE FE  . HEC B 2 .  ? -1.807  -4.996  2.897   1.00 19.18 ? 200 HEC A FE  1 
HETATM 645 C  CHA . HEC B 2 .  ? 0.311   -4.393  5.497   1.00 20.36 ? 200 HEC A CHA 1 
HETATM 646 C  CHB . HEC B 2 .  ? -0.571  -2.329  1.176   1.00 18.64 ? 200 HEC A CHB 1 
HETATM 647 C  CHC . HEC B 2 .  ? -3.705  -5.939  0.131   1.00 17.50 ? 200 HEC A CHC 1 
HETATM 648 C  CHD . HEC B 2 .  ? -3.403  -7.395  4.773   1.00 17.73 ? 200 HEC A CHD 1 
HETATM 649 N  NA  . HEC B 2 .  ? -0.451  -3.614  3.281   1.00 20.20 ? 200 HEC A NA  1 
HETATM 650 C  C1A . HEC B 2 .  ? 0.345   -3.497  4.420   1.00 21.06 ? 200 HEC A C1A 1 
HETATM 651 C  C2A . HEC B 2 .  ? 1.335   -2.387  4.296   1.00 21.40 ? 200 HEC A C2A 1 
HETATM 652 C  C3A . HEC B 2 .  ? 1.172   -1.902  2.999   1.00 21.34 ? 200 HEC A C3A 1 
HETATM 653 C  C4A . HEC B 2 .  ? 0.004   -2.618  2.422   1.00 20.32 ? 200 HEC A C4A 1 
HETATM 654 C  CMA . HEC B 2 .  ? 2.033   -0.827  2.287   1.00 20.57 ? 200 HEC A CMA 1 
HETATM 655 C  CAA . HEC B 2 .  ? 2.206   -1.808  5.452   1.00 19.47 ? 200 HEC A CAA 1 
HETATM 656 C  CBA . HEC B 2 .  ? 1.291   -1.388  6.600   1.00 21.09 ? 200 HEC A CBA 1 
HETATM 657 C  CGA . HEC B 2 .  ? 2.026   -0.820  7.807   1.00 22.50 ? 200 HEC A CGA 1 
HETATM 658 O  O1A . HEC B 2 .  ? 2.851   -1.535  8.410   1.00 23.27 ? 200 HEC A O1A 1 
HETATM 659 O  O2A . HEC B 2 .  ? 1.765   0.346   8.169   1.00 23.87 ? 200 HEC A O2A 1 
HETATM 660 N  NB  . HEC B 2 .  ? -2.150  -4.240  1.081   1.00 18.09 ? 200 HEC A NB  1 
HETATM 661 C  C1B . HEC B 2 .  ? -1.580  -3.074  0.548   1.00 17.96 ? 200 HEC A C1B 1 
HETATM 662 C  C2B . HEC B 2 .  ? -2.035  -2.860  -0.827  1.00 17.84 ? 200 HEC A C2B 1 
HETATM 663 C  C3B . HEC B 2 .  ? -2.846  -3.924  -1.150  1.00 17.12 ? 200 HEC A C3B 1 
HETATM 664 C  C4B . HEC B 2 .  ? -2.934  -4.773  0.042   1.00 17.53 ? 200 HEC A C4B 1 
HETATM 665 C  CMB . HEC B 2 .  ? -1.748  -1.650  -1.720  1.00 16.52 ? 200 HEC A CMB 1 
HETATM 666 C  CAB . HEC B 2 .  ? -3.448  -4.141  -2.397  1.00 15.26 ? 200 HEC A CAB 1 
HETATM 667 C  CBB . HEC B 2 .  ? -2.699  -4.681  -3.442  1.00 12.17 ? 200 HEC A CBB 1 
HETATM 668 N  NC  . HEC B 2 .  ? -3.209  -6.400  2.522   1.00 18.95 ? 200 HEC A NC  1 
HETATM 669 C  C1C . HEC B 2 .  ? -3.833  -6.709  1.296   1.00 18.18 ? 200 HEC A C1C 1 
HETATM 670 C  C2C . HEC B 2 .  ? -4.870  -7.744  1.483   1.00 17.59 ? 200 HEC A C2C 1 
HETATM 671 C  C3C . HEC B 2 .  ? -4.959  -7.966  2.853   1.00 16.80 ? 200 HEC A C3C 1 
HETATM 672 C  C4C . HEC B 2 .  ? -3.858  -7.209  3.463   1.00 17.48 ? 200 HEC A C4C 1 
HETATM 673 C  CMC . HEC B 2 .  ? -5.614  -8.549  0.412   1.00 13.69 ? 200 HEC A CMC 1 
HETATM 674 C  CAC . HEC B 2 .  ? -5.907  -8.784  3.520   1.00 16.04 ? 200 HEC A CAC 1 
HETATM 675 C  CBC . HEC B 2 .  ? -5.840  -10.150 3.419   1.00 11.85 ? 200 HEC A CBC 1 
HETATM 676 N  ND  . HEC B 2 .  ? -1.587  -5.733  4.725   1.00 19.63 ? 200 HEC A ND  1 
HETATM 677 C  C1D . HEC B 2 .  ? -2.323  -6.750  5.346   1.00 18.73 ? 200 HEC A C1D 1 
HETATM 678 C  C2D . HEC B 2 .  ? -1.735  -7.104  6.616   1.00 20.38 ? 200 HEC A C2D 1 
HETATM 679 C  C3D . HEC B 2 .  ? -0.670  -6.271  6.792   1.00 22.03 ? 200 HEC A C3D 1 
HETATM 680 C  C4D . HEC B 2 .  ? -0.595  -5.424  5.640   1.00 20.86 ? 200 HEC A C4D 1 
HETATM 681 C  CMD . HEC B 2 .  ? -2.137  -8.249  7.547   1.00 18.72 ? 200 HEC A CMD 1 
HETATM 682 C  CAD . HEC B 2 .  ? 0.346   -6.245  7.927   1.00 25.77 ? 200 HEC A CAD 1 
HETATM 683 C  CBD . HEC B 2 .  ? 1.253   -7.461  7.850   1.00 31.57 ? 200 HEC A CBD 1 
HETATM 684 C  CGD . HEC B 2 .  ? 2.457   -7.354  8.766   1.00 34.61 ? 200 HEC A CGD 1 
HETATM 685 O  O1D . HEC B 2 .  ? 3.385   -6.563  8.458   1.00 36.19 ? 200 HEC A O1D 1 
HETATM 686 O  O2D . HEC B 2 .  ? 2.470   -8.058  9.801   1.00 37.49 ? 200 HEC A O2D 1 
# 
